data_5WOC
#
_entry.id   5WOC
#
loop_
_entity.id
_entity.type
_entity.pdbx_description
1 polymer SER-PRO-GLU-GLU-ARG-ALA-GLN-LEU-CYS-THR-ALA-ALA-GLU-LYS-ALA-ASP-GLU-LEU-GLY
2 non-polymer (3-methylphenyl)methanol
#
_entity_poly.entity_id   1
_entity_poly.type   'polypeptide(L)'
_entity_poly.pdbx_seq_one_letter_code
;SPEERAQLCTAAEKADELG
;
_entity_poly.pdbx_strand_id   A,B
#
# COMPACT_ATOMS: atom_id res chain seq x y z
N SER A 1 12.34 -0.72 2.13
CA SER A 1 12.08 -0.54 0.70
C SER A 1 11.07 0.59 0.50
N PRO A 2 11.49 1.82 0.70
CA PRO A 2 10.60 3.01 0.53
C PRO A 2 9.95 3.05 -0.85
N GLU A 3 10.71 2.67 -1.87
CA GLU A 3 10.20 2.65 -3.24
C GLU A 3 9.08 1.64 -3.38
N GLU A 4 9.24 0.49 -2.75
CA GLU A 4 8.21 -0.53 -2.82
C GLU A 4 6.96 -0.01 -2.11
N ARG A 5 7.17 0.65 -0.98
CA ARG A 5 6.06 1.21 -0.22
C ARG A 5 5.31 2.24 -1.05
N ALA A 6 6.06 3.10 -1.74
CA ALA A 6 5.43 4.14 -2.53
C ALA A 6 4.52 3.53 -3.60
N GLN A 7 5.03 2.49 -4.26
CA GLN A 7 4.22 1.82 -5.29
C GLN A 7 2.99 1.18 -4.67
N LEU A 8 3.18 0.52 -3.53
CA LEU A 8 2.06 -0.12 -2.84
C LEU A 8 1.06 0.92 -2.37
N CYS A 9 1.57 2.05 -1.88
CA CYS A 9 0.70 3.12 -1.41
C CYS A 9 -0.23 3.57 -2.53
N THR A 10 0.30 3.65 -3.74
CA THR A 10 -0.51 4.06 -4.87
C THR A 10 -1.63 3.06 -5.09
N ALA A 11 -1.30 1.78 -5.05
CA ALA A 11 -2.32 0.75 -5.22
C ALA A 11 -3.36 0.85 -4.12
N ALA A 12 -2.89 1.00 -2.88
CA ALA A 12 -3.81 1.12 -1.74
C ALA A 12 -4.60 2.41 -1.84
N GLU A 13 -3.92 3.49 -2.18
CA GLU A 13 -4.56 4.79 -2.31
C GLU A 13 -5.58 4.78 -3.45
N LYS A 14 -5.17 4.23 -4.58
CA LYS A 14 -6.04 4.15 -5.74
C LYS A 14 -7.21 3.22 -5.44
N ALA A 15 -6.93 2.09 -4.78
CA ALA A 15 -7.98 1.13 -4.45
C ALA A 15 -9.02 1.77 -3.54
N ASP A 16 -8.56 2.58 -2.60
CA ASP A 16 -9.48 3.26 -1.69
C ASP A 16 -10.40 4.18 -2.46
N GLU A 17 -9.85 4.89 -3.44
CA GLU A 17 -10.62 5.80 -4.26
C GLU A 17 -11.71 5.05 -5.02
N LEU A 18 -11.38 3.86 -5.51
CA LEU A 18 -12.34 3.05 -6.25
C LEU A 18 -13.50 2.64 -5.34
N GLY A 19 -13.18 2.28 -4.10
CA GLY A 19 -14.19 1.86 -3.13
C GLY A 19 -13.92 0.45 -2.62
N SER B 1 -12.73 0.23 -2.08
CA SER B 1 -12.35 -1.09 -1.56
C SER B 1 -11.46 -0.93 -0.33
N PRO B 2 -12.03 -0.51 0.78
CA PRO B 2 -11.27 -0.31 2.06
C PRO B 2 -10.49 -1.56 2.46
N GLU B 3 -11.10 -2.72 2.27
CA GLU B 3 -10.47 -3.98 2.61
C GLU B 3 -9.23 -4.20 1.77
N GLU B 4 -9.32 -3.87 0.49
CA GLU B 4 -8.17 -4.03 -0.39
C GLU B 4 -7.06 -3.09 0.06
N ARG B 5 -7.45 -1.87 0.42
CA ARG B 5 -6.50 -0.87 0.89
C ARG B 5 -5.81 -1.36 2.16
N ALA B 6 -6.57 -1.93 3.08
CA ALA B 6 -5.99 -2.40 4.33
C ALA B 6 -4.93 -3.46 4.06
N GLN B 7 -5.24 -4.38 3.18
CA GLN B 7 -4.27 -5.43 2.83
C GLN B 7 -3.04 -4.82 2.17
N LEU B 8 -3.26 -3.87 1.26
CA LEU B 8 -2.15 -3.23 0.57
C LEU B 8 -1.32 -2.40 1.56
N CYS B 9 -2.00 -1.76 2.50
CA CYS B 9 -1.31 -0.96 3.50
C CYS B 9 -0.33 -1.82 4.29
N THR B 10 -0.74 -3.04 4.60
CA THR B 10 0.13 -3.96 5.32
C THR B 10 1.38 -4.24 4.52
N ALA B 11 1.21 -4.52 3.23
CA ALA B 11 2.35 -4.79 2.38
C ALA B 11 3.25 -3.57 2.31
N ALA B 12 2.64 -2.40 2.13
CA ALA B 12 3.41 -1.16 2.07
C ALA B 12 4.06 -0.86 3.40
N GLU B 13 3.29 -1.05 4.47
CA GLU B 13 3.79 -0.81 5.82
C GLU B 13 4.90 -1.78 6.16
N LYS B 14 4.67 -3.05 5.86
CA LYS B 14 5.67 -4.08 6.11
C LYS B 14 6.91 -3.85 5.26
N ALA B 15 6.69 -3.49 4.00
CA ALA B 15 7.81 -3.24 3.08
C ALA B 15 8.67 -2.10 3.58
N ASP B 16 8.02 -1.08 4.13
CA ASP B 16 8.75 0.06 4.66
C ASP B 16 9.64 -0.38 5.82
N GLU B 17 9.10 -1.24 6.67
CA GLU B 17 9.85 -1.75 7.81
C GLU B 17 11.09 -2.51 7.36
N LEU B 18 10.93 -3.29 6.29
CA LEU B 18 12.04 -4.07 5.77
C LEU B 18 13.16 -3.14 5.27
N GLY B 19 12.77 -2.06 4.61
CA GLY B 19 13.74 -1.09 4.09
C GLY B 19 13.58 -0.91 2.58
N SER A 1 12.15 -0.98 2.00
CA SER A 1 11.74 -0.78 0.62
C SER A 1 10.85 0.46 0.52
N PRO A 2 11.42 1.62 0.78
CA PRO A 2 10.65 2.91 0.74
C PRO A 2 9.97 3.13 -0.61
N GLU A 3 10.67 2.81 -1.67
CA GLU A 3 10.13 2.97 -3.01
C GLU A 3 8.98 2.01 -3.26
N GLU A 4 9.12 0.79 -2.75
CA GLU A 4 8.07 -0.19 -2.94
C GLU A 4 6.80 0.30 -2.28
N ARG A 5 6.95 0.90 -1.12
CA ARG A 5 5.81 1.44 -0.40
C ARG A 5 5.10 2.50 -1.24
N ALA A 6 5.89 3.40 -1.84
CA ALA A 6 5.30 4.47 -2.63
C ALA A 6 4.46 3.92 -3.77
N GLN A 7 4.98 2.91 -4.45
CA GLN A 7 4.25 2.31 -5.56
C GLN A 7 2.98 1.64 -5.04
N LEU A 8 3.11 0.94 -3.92
CA LEU A 8 1.96 0.26 -3.32
C LEU A 8 0.91 1.27 -2.86
N CYS A 9 1.39 2.38 -2.31
CA CYS A 9 0.49 3.42 -1.83
C CYS A 9 -0.38 3.92 -2.96
N THR A 10 0.20 4.08 -4.14
CA THR A 10 -0.58 4.53 -5.27
C THR A 10 -1.67 3.52 -5.59
N ALA A 11 -1.29 2.25 -5.65
CA ALA A 11 -2.29 1.22 -5.94
C ALA A 11 -3.31 1.12 -4.82
N ALA A 12 -2.83 1.10 -3.58
CA ALA A 12 -3.72 1.02 -2.43
C ALA A 12 -4.55 2.30 -2.29
N GLU A 13 -3.89 3.43 -2.50
CA GLU A 13 -4.58 4.72 -2.39
C GLU A 13 -5.64 4.84 -3.47
N LYS A 14 -5.27 4.49 -4.69
CA LYS A 14 -6.22 4.54 -5.80
C LYS A 14 -7.35 3.54 -5.58
N ALA A 15 -7.00 2.36 -5.09
CA ALA A 15 -7.99 1.32 -4.85
C ALA A 15 -9.02 1.81 -3.85
N ASP A 16 -8.57 2.52 -2.84
CA ASP A 16 -9.48 3.04 -1.82
C ASP A 16 -10.48 4.00 -2.47
N GLU A 17 -9.97 4.85 -3.36
CA GLU A 17 -10.83 5.79 -4.05
C GLU A 17 -11.85 5.06 -4.92
N LEU A 18 -11.42 4.00 -5.57
CA LEU A 18 -12.31 3.22 -6.43
C LEU A 18 -13.43 2.59 -5.62
N GLY A 19 -13.10 2.07 -4.44
CA GLY A 19 -14.08 1.44 -3.56
C GLY A 19 -13.60 0.08 -3.07
N SER B 1 -12.54 0.08 -2.26
CA SER B 1 -12.00 -1.16 -1.71
C SER B 1 -11.27 -0.87 -0.40
N PRO B 2 -11.98 -0.47 0.62
CA PRO B 2 -11.37 -0.14 1.95
C PRO B 2 -10.57 -1.31 2.51
N GLU B 3 -11.13 -2.50 2.39
CA GLU B 3 -10.47 -3.70 2.88
C GLU B 3 -9.19 -3.98 2.10
N GLU B 4 -9.23 -3.77 0.80
CA GLU B 4 -8.08 -4.01 -0.03
C GLU B 4 -6.94 -3.11 0.44
N ARG B 5 -7.28 -1.88 0.76
CA ARG B 5 -6.29 -0.94 1.24
C ARG B 5 -5.63 -1.45 2.51
N ALA B 6 -6.43 -1.94 3.43
CA ALA B 6 -5.90 -2.42 4.71
C ALA B 6 -4.90 -3.54 4.49
N GLN B 7 -5.23 -4.47 3.62
CA GLN B 7 -4.33 -5.58 3.33
C GLN B 7 -3.06 -5.05 2.67
N LEU B 8 -3.21 -4.11 1.75
CA LEU B 8 -2.06 -3.53 1.07
C LEU B 8 -1.19 -2.76 2.05
N CYS B 9 -1.83 -2.07 2.98
CA CYS B 9 -1.11 -1.28 3.97
C CYS B 9 -0.17 -2.17 4.77
N THR B 10 -0.64 -3.35 5.13
CA THR B 10 0.20 -4.26 5.87
C THR B 10 1.43 -4.64 5.05
N ALA B 11 1.22 -5.00 3.79
CA ALA B 11 2.34 -5.37 2.95
C ALA B 11 3.26 -4.17 2.71
N ALA B 12 2.65 -3.03 2.39
CA ALA B 12 3.42 -1.82 2.15
C ALA B 12 4.07 -1.32 3.43
N GLU B 13 3.31 -1.36 4.51
CA GLU B 13 3.82 -0.92 5.80
C GLU B 13 4.97 -1.80 6.27
N LYS B 14 4.78 -3.10 6.14
CA LYS B 14 5.81 -4.06 6.52
C LYS B 14 7.03 -3.91 5.60
N ALA B 15 6.77 -3.70 4.32
CA ALA B 15 7.84 -3.55 3.34
C ALA B 15 8.71 -2.34 3.69
N ASP B 16 8.06 -1.28 4.14
CA ASP B 16 8.79 -0.08 4.52
C ASP B 16 9.72 -0.38 5.68
N GLU B 17 9.23 -1.15 6.65
CA GLU B 17 10.03 -1.52 7.80
C GLU B 17 11.22 -2.39 7.37
N LEU B 18 10.96 -3.29 6.44
CA LEU B 18 12.02 -4.18 5.95
C LEU B 18 13.13 -3.38 5.27
N GLY B 19 12.75 -2.39 4.49
CA GLY B 19 13.72 -1.56 3.78
C GLY B 19 13.38 -1.41 2.30
N SER A 1 12.30 -0.46 1.15
CA SER A 1 12.07 -0.27 -0.29
C SER A 1 11.07 0.85 -0.52
N PRO A 2 11.50 2.07 -0.39
CA PRO A 2 10.62 3.27 -0.58
C PRO A 2 9.92 3.24 -1.94
N GLU A 3 10.64 2.79 -2.97
CA GLU A 3 10.07 2.72 -4.31
C GLU A 3 8.90 1.76 -4.35
N GLU A 4 9.06 0.61 -3.71
CA GLU A 4 7.98 -0.36 -3.66
C GLU A 4 6.82 0.19 -2.86
N ARG A 5 7.15 0.87 -1.77
CA ARG A 5 6.13 1.47 -0.94
C ARG A 5 5.31 2.46 -1.74
N ALA A 6 5.98 3.30 -2.53
CA ALA A 6 5.27 4.31 -3.28
C ALA A 6 4.23 3.66 -4.20
N GLN A 7 4.65 2.62 -4.91
CA GLN A 7 3.72 1.93 -5.80
C GLN A 7 2.65 1.19 -5.00
N LEU A 8 3.06 0.52 -3.92
CA LEU A 8 2.13 -0.22 -3.08
C LEU A 8 1.16 0.73 -2.38
N CYS A 9 1.66 1.87 -1.96
CA CYS A 9 0.82 2.85 -1.28
C CYS A 9 -0.31 3.27 -2.21
N THR A 10 0.01 3.45 -3.49
CA THR A 10 -0.98 3.83 -4.48
C THR A 10 -2.05 2.76 -4.58
N ALA A 11 -1.63 1.50 -4.57
CA ALA A 11 -2.60 0.41 -4.64
C ALA A 11 -3.57 0.49 -3.48
N ALA A 12 -3.04 0.72 -2.27
CA ALA A 12 -3.90 0.82 -1.09
C ALA A 12 -4.82 2.04 -1.21
N GLU A 13 -4.25 3.16 -1.64
CA GLU A 13 -5.03 4.38 -1.80
C GLU A 13 -6.09 4.21 -2.90
N LYS A 14 -5.67 3.62 -4.00
CA LYS A 14 -6.57 3.37 -5.11
C LYS A 14 -7.69 2.43 -4.68
N ALA A 15 -7.35 1.44 -3.87
CA ALA A 15 -8.35 0.48 -3.40
C ALA A 15 -9.44 1.21 -2.63
N ASP A 16 -9.04 2.19 -1.83
CA ASP A 16 -10.02 2.96 -1.06
C ASP A 16 -10.97 3.68 -2.01
N GLU A 17 -10.42 4.23 -3.09
CA GLU A 17 -11.24 4.93 -4.07
C GLU A 17 -12.25 3.97 -4.71
N LEU A 18 -11.80 2.76 -4.99
CA LEU A 18 -12.68 1.76 -5.59
C LEU A 18 -13.82 1.40 -4.65
N GLY A 19 -13.51 1.28 -3.36
CA GLY A 19 -14.50 0.94 -2.35
C GLY A 19 -14.29 -0.48 -1.83
N SER B 1 -13.08 -0.75 -1.34
CA SER B 1 -12.75 -2.07 -0.80
C SER B 1 -11.84 -1.93 0.43
N PRO B 2 -12.41 -1.55 1.54
CA PRO B 2 -11.65 -1.37 2.81
C PRO B 2 -10.83 -2.61 3.17
N GLU B 3 -11.40 -3.78 2.93
CA GLU B 3 -10.72 -5.04 3.24
C GLU B 3 -9.45 -5.16 2.41
N GLU B 4 -9.55 -4.83 1.13
CA GLU B 4 -8.37 -4.89 0.27
C GLU B 4 -7.35 -3.87 0.73
N ARG B 5 -7.83 -2.69 1.09
CA ARG B 5 -6.95 -1.64 1.55
C ARG B 5 -6.18 -2.10 2.79
N ALA B 6 -6.87 -2.74 3.71
CA ALA B 6 -6.22 -3.17 4.94
C ALA B 6 -5.06 -4.09 4.63
N GLN B 7 -5.28 -5.05 3.75
CA GLN B 7 -4.22 -5.97 3.36
C GLN B 7 -3.15 -5.26 2.53
N LEU B 8 -3.59 -4.39 1.63
CA LEU B 8 -2.66 -3.65 0.78
C LEU B 8 -1.84 -2.66 1.60
N CYS B 9 -2.49 -2.04 2.56
CA CYS B 9 -1.82 -1.07 3.42
C CYS B 9 -0.66 -1.73 4.14
N THR B 10 -0.88 -2.95 4.60
CA THR B 10 0.17 -3.71 5.29
C THR B 10 1.34 -3.94 4.37
N ALA B 11 1.06 -4.24 3.11
CA ALA B 11 2.14 -4.47 2.16
C ALA B 11 3.00 -3.22 2.03
N ALA B 12 2.35 -2.06 1.92
CA ALA B 12 3.09 -0.80 1.82
C ALA B 12 3.86 -0.53 3.10
N GLU B 13 3.22 -0.76 4.24
CA GLU B 13 3.87 -0.55 5.54
C GLU B 13 5.02 -1.53 5.72
N LYS B 14 4.77 -2.78 5.36
CA LYS B 14 5.78 -3.81 5.46
C LYS B 14 6.96 -3.48 4.55
N ALA B 15 6.67 -2.96 3.36
CA ALA B 15 7.71 -2.61 2.41
C ALA B 15 8.66 -1.58 3.03
N ASP B 16 8.09 -0.64 3.76
CA ASP B 16 8.90 0.39 4.43
C ASP B 16 9.83 -0.25 5.44
N GLU B 17 9.33 -1.25 6.16
CA GLU B 17 10.14 -1.95 7.14
C GLU B 17 11.31 -2.66 6.46
N LEU B 18 11.02 -3.27 5.31
CA LEU B 18 12.05 -3.99 4.56
C LEU B 18 13.13 -3.02 4.07
N GLY B 19 12.70 -1.85 3.63
CA GLY B 19 13.64 -0.83 3.14
C GLY B 19 13.52 -0.66 1.63
N SER A 1 12.26 -0.31 1.34
CA SER A 1 11.97 -0.26 -0.09
C SER A 1 10.90 0.81 -0.36
N PRO A 2 11.28 2.07 -0.31
CA PRO A 2 10.32 3.20 -0.53
C PRO A 2 9.66 3.13 -1.91
N GLU A 3 10.41 2.66 -2.90
CA GLU A 3 9.88 2.54 -4.24
C GLU A 3 8.78 1.50 -4.28
N GLU A 4 9.00 0.37 -3.61
CA GLU A 4 8.01 -0.69 -3.57
C GLU A 4 6.80 -0.22 -2.78
N ARG A 5 7.07 0.49 -1.70
CA ARG A 5 6.00 1.03 -0.89
C ARG A 5 5.16 2.00 -1.69
N ALA A 6 5.81 2.85 -2.47
CA ALA A 6 5.09 3.85 -3.25
C ALA A 6 4.08 3.19 -4.17
N GLN A 7 4.50 2.16 -4.87
CA GLN A 7 3.59 1.46 -5.77
C GLN A 7 2.46 0.79 -4.98
N LEU A 8 2.82 0.14 -3.89
CA LEU A 8 1.84 -0.53 -3.04
C LEU A 8 0.91 0.46 -2.39
N CYS A 9 1.48 1.58 -1.98
CA CYS A 9 0.71 2.61 -1.34
C CYS A 9 -0.40 3.08 -2.28
N THR A 10 -0.06 3.22 -3.55
CA THR A 10 -1.02 3.64 -4.56
C THR A 10 -2.15 2.62 -4.65
N ALA A 11 -1.81 1.34 -4.64
CA ALA A 11 -2.83 0.31 -4.72
C ALA A 11 -3.80 0.43 -3.55
N ALA A 12 -3.26 0.63 -2.35
CA ALA A 12 -4.10 0.78 -1.18
C ALA A 12 -4.95 2.05 -1.28
N GLU A 13 -4.30 3.13 -1.70
CA GLU A 13 -5.01 4.41 -1.84
C GLU A 13 -6.07 4.32 -2.92
N LYS A 14 -5.70 3.74 -4.05
CA LYS A 14 -6.62 3.59 -5.16
C LYS A 14 -7.77 2.67 -4.78
N ALA A 15 -7.45 1.57 -4.10
CA ALA A 15 -8.46 0.62 -3.69
C ALA A 15 -9.45 1.26 -2.72
N ASP A 16 -8.94 2.09 -1.84
CA ASP A 16 -9.78 2.78 -0.87
C ASP A 16 -10.80 3.66 -1.57
N GLU A 17 -10.36 4.36 -2.61
CA GLU A 17 -11.24 5.24 -3.36
C GLU A 17 -12.35 4.44 -4.02
N LEU A 18 -12.00 3.27 -4.54
CA LEU A 18 -12.98 2.41 -5.20
C LEU A 18 -14.06 1.98 -4.23
N GLY A 19 -13.65 1.65 -3.01
CA GLY A 19 -14.60 1.21 -1.97
C GLY A 19 -14.31 -0.23 -1.56
N SER B 1 -13.04 -0.52 -1.22
CA SER B 1 -12.65 -1.86 -0.81
C SER B 1 -11.69 -1.76 0.37
N PRO B 2 -12.18 -1.46 1.55
CA PRO B 2 -11.34 -1.31 2.77
C PRO B 2 -10.56 -2.60 3.09
N GLU B 3 -11.17 -3.74 2.82
CA GLU B 3 -10.52 -5.01 3.07
C GLU B 3 -9.31 -5.17 2.16
N GLU B 4 -9.48 -4.80 0.89
CA GLU B 4 -8.37 -4.89 -0.06
C GLU B 4 -7.30 -3.89 0.31
N ARG B 5 -7.73 -2.71 0.73
CA ARG B 5 -6.79 -1.68 1.12
C ARG B 5 -5.99 -2.14 2.33
N ALA B 6 -6.65 -2.78 3.28
CA ALA B 6 -5.98 -3.21 4.50
C ALA B 6 -4.82 -4.14 4.17
N GLN B 7 -5.08 -5.12 3.31
CA GLN B 7 -4.04 -6.05 2.92
C GLN B 7 -2.92 -5.32 2.17
N LEU B 8 -3.31 -4.43 1.26
CA LEU B 8 -2.34 -3.68 0.48
C LEU B 8 -1.58 -2.71 1.35
N CYS B 9 -2.29 -2.13 2.30
CA CYS B 9 -1.67 -1.17 3.20
C CYS B 9 -0.55 -1.85 3.97
N THR B 10 -0.79 -3.08 4.40
CA THR B 10 0.23 -3.84 5.13
C THR B 10 1.46 -4.04 4.27
N ALA B 11 1.25 -4.35 3.00
CA ALA B 11 2.38 -4.56 2.10
C ALA B 11 3.23 -3.29 2.01
N ALA B 12 2.57 -2.14 1.88
CA ALA B 12 3.28 -0.88 1.81
C ALA B 12 3.99 -0.59 3.12
N GLU B 13 3.28 -0.82 4.23
CA GLU B 13 3.85 -0.59 5.55
C GLU B 13 5.00 -1.54 5.83
N LYS B 14 4.80 -2.81 5.50
CA LYS B 14 5.83 -3.82 5.69
C LYS B 14 7.03 -3.53 4.80
N ALA B 15 6.76 -3.15 3.56
CA ALA B 15 7.83 -2.84 2.61
C ALA B 15 8.66 -1.65 3.10
N ASP B 16 7.97 -0.68 3.65
CA ASP B 16 8.64 0.52 4.16
C ASP B 16 9.62 0.15 5.27
N GLU B 17 9.20 -0.74 6.16
CA GLU B 17 10.04 -1.17 7.26
C GLU B 17 11.28 -1.86 6.74
N LEU B 18 11.11 -2.67 5.69
CA LEU B 18 12.24 -3.40 5.11
C LEU B 18 13.27 -2.44 4.55
N GLY B 19 12.80 -1.38 3.90
CA GLY B 19 13.69 -0.38 3.32
C GLY B 19 13.51 -0.33 1.80
N SER A 1 12.04 -0.89 2.19
CA SER A 1 11.83 -0.70 0.77
C SER A 1 10.90 0.50 0.54
N PRO A 2 11.35 1.71 0.76
CA PRO A 2 10.50 2.93 0.59
C PRO A 2 9.92 3.03 -0.82
N GLU A 3 10.68 2.60 -1.81
CA GLU A 3 10.23 2.63 -3.19
C GLU A 3 9.07 1.66 -3.39
N GLU A 4 9.18 0.49 -2.78
CA GLU A 4 8.13 -0.50 -2.87
C GLU A 4 6.88 0.02 -2.18
N ARG A 5 7.10 0.63 -1.02
CA ARG A 5 6.01 1.20 -0.24
C ARG A 5 5.31 2.30 -1.03
N ALA A 6 6.08 3.16 -1.68
CA ALA A 6 5.50 4.26 -2.42
C ALA A 6 4.55 3.74 -3.49
N GLN A 7 4.96 2.73 -4.21
CA GLN A 7 4.11 2.15 -5.24
C GLN A 7 2.88 1.50 -4.62
N LEU A 8 3.10 0.78 -3.51
CA LEU A 8 2.00 0.13 -2.81
C LEU A 8 1.04 1.17 -2.22
N CYS A 9 1.59 2.25 -1.69
CA CYS A 9 0.79 3.30 -1.09
C CYS A 9 -0.21 3.83 -2.12
N THR A 10 0.26 4.01 -3.34
CA THR A 10 -0.59 4.49 -4.42
C THR A 10 -1.71 3.49 -4.66
N ALA A 11 -1.36 2.21 -4.71
CA ALA A 11 -2.38 1.19 -4.93
C ALA A 11 -3.40 1.23 -3.81
N ALA A 12 -2.93 1.32 -2.57
CA ALA A 12 -3.83 1.39 -1.42
C ALA A 12 -4.65 2.68 -1.46
N GLU A 13 -3.96 3.78 -1.72
CA GLU A 13 -4.61 5.09 -1.78
C GLU A 13 -5.60 5.15 -2.93
N LYS A 14 -5.17 4.66 -4.08
CA LYS A 14 -6.01 4.66 -5.27
C LYS A 14 -7.21 3.75 -5.07
N ALA A 15 -6.98 2.60 -4.44
CA ALA A 15 -8.06 1.65 -4.20
C ALA A 15 -9.13 2.28 -3.33
N ASP A 16 -8.72 3.04 -2.34
CA ASP A 16 -9.66 3.72 -1.46
C ASP A 16 -10.51 4.71 -2.26
N GLU A 17 -9.85 5.42 -3.16
CA GLU A 17 -10.54 6.41 -3.99
C GLU A 17 -11.60 5.72 -4.86
N LEU A 18 -11.26 4.56 -5.39
CA LEU A 18 -12.19 3.82 -6.23
C LEU A 18 -13.41 3.39 -5.43
N GLY A 19 -13.19 2.94 -4.19
CA GLY A 19 -14.29 2.51 -3.32
C GLY A 19 -14.09 1.06 -2.88
N SER B 1 -12.90 0.74 -2.39
CA SER B 1 -12.59 -0.61 -1.93
C SER B 1 -11.77 -0.55 -0.64
N PRO B 2 -12.38 -0.20 0.48
CA PRO B 2 -11.64 -0.08 1.78
C PRO B 2 -10.95 -1.39 2.18
N GLU B 3 -11.58 -2.51 1.85
CA GLU B 3 -11.00 -3.81 2.16
C GLU B 3 -9.74 -4.03 1.35
N GLU B 4 -9.78 -3.63 0.08
CA GLU B 4 -8.63 -3.77 -0.78
C GLU B 4 -7.51 -2.87 -0.28
N ARG B 5 -7.88 -1.65 0.10
CA ARG B 5 -6.93 -0.69 0.63
C ARG B 5 -6.29 -1.21 1.90
N ALA B 6 -7.08 -1.79 2.78
CA ALA B 6 -6.56 -2.29 4.04
C ALA B 6 -5.46 -3.32 3.81
N GLN B 7 -5.71 -4.23 2.89
CA GLN B 7 -4.71 -5.25 2.57
C GLN B 7 -3.49 -4.61 1.92
N LEU B 8 -3.72 -3.65 1.03
CA LEU B 8 -2.62 -2.96 0.36
C LEU B 8 -1.84 -2.10 1.34
N CYS B 9 -2.55 -1.49 2.29
CA CYS B 9 -1.91 -0.63 3.28
C CYS B 9 -0.87 -1.43 4.06
N THR B 10 -1.24 -2.65 4.42
CA THR B 10 -0.34 -3.54 5.14
C THR B 10 0.89 -3.83 4.31
N ALA B 11 0.70 -4.11 3.03
CA ALA B 11 1.83 -4.38 2.17
C ALA B 11 2.74 -3.16 2.10
N ALA B 12 2.14 -1.99 1.92
CA ALA B 12 2.91 -0.75 1.87
C ALA B 12 3.59 -0.48 3.21
N GLU B 13 2.81 -0.65 4.28
CA GLU B 13 3.31 -0.42 5.62
C GLU B 13 4.39 -1.44 5.98
N LYS B 14 4.13 -2.69 5.65
CA LYS B 14 5.07 -3.76 5.92
C LYS B 14 6.35 -3.57 5.10
N ALA B 15 6.17 -3.17 3.85
CA ALA B 15 7.31 -2.97 2.97
C ALA B 15 8.24 -1.90 3.54
N ASP B 16 7.66 -0.85 4.08
CA ASP B 16 8.44 0.22 4.68
C ASP B 16 9.24 -0.32 5.86
N GLU B 17 8.60 -1.16 6.66
CA GLU B 17 9.26 -1.75 7.82
C GLU B 17 10.45 -2.60 7.39
N LEU B 18 10.29 -3.35 6.31
CA LEU B 18 11.36 -4.19 5.81
C LEU B 18 12.55 -3.35 5.36
N GLY B 19 12.27 -2.23 4.70
CA GLY B 19 13.32 -1.32 4.22
C GLY B 19 13.25 -1.14 2.71
N SER A 1 13.61 0.32 0.86
CA SER A 1 13.27 0.56 -0.54
C SER A 1 12.12 1.56 -0.65
N PRO A 2 12.41 2.82 -0.41
CA PRO A 2 11.39 3.90 -0.48
C PRO A 2 10.66 3.92 -1.84
N GLU A 3 11.41 3.67 -2.90
CA GLU A 3 10.84 3.64 -4.25
C GLU A 3 9.84 2.50 -4.37
N GLU A 4 10.19 1.35 -3.80
CA GLU A 4 9.30 0.19 -3.84
C GLU A 4 8.04 0.50 -3.06
N ARG A 5 8.20 1.16 -1.92
CA ARG A 5 7.08 1.53 -1.10
C ARG A 5 6.15 2.47 -1.87
N ALA A 6 6.74 3.47 -2.52
CA ALA A 6 5.94 4.44 -3.25
C ALA A 6 5.12 3.77 -4.34
N GLN A 7 5.75 2.84 -5.04
CA GLN A 7 5.06 2.13 -6.11
C GLN A 7 3.92 1.32 -5.54
N LEU A 8 4.13 0.72 -4.37
CA LEU A 8 3.09 -0.09 -3.72
C LEU A 8 2.11 0.82 -2.99
N CYS A 9 2.55 2.02 -2.65
CA CYS A 9 1.70 2.96 -1.93
C CYS A 9 0.47 3.32 -2.75
N THR A 10 0.67 3.62 -4.03
CA THR A 10 -0.45 3.97 -4.90
C THR A 10 -1.42 2.80 -5.01
N ALA A 11 -0.88 1.60 -5.05
CA ALA A 11 -1.72 0.42 -5.16
C ALA A 11 -2.66 0.32 -3.96
N ALA A 12 -2.11 0.54 -2.76
CA ALA A 12 -2.92 0.49 -1.55
C ALA A 12 -3.92 1.65 -1.52
N GLU A 13 -3.45 2.85 -1.83
CA GLU A 13 -4.30 4.03 -1.84
C GLU A 13 -5.35 3.93 -2.94
N LYS A 14 -4.93 3.45 -4.10
CA LYS A 14 -5.83 3.29 -5.23
C LYS A 14 -6.93 2.27 -4.89
N ALA A 15 -6.55 1.21 -4.20
CA ALA A 15 -7.50 0.17 -3.82
C ALA A 15 -8.60 0.76 -2.95
N ASP A 16 -8.21 1.64 -2.04
CA ASP A 16 -9.18 2.28 -1.15
C ASP A 16 -10.16 3.12 -1.96
N GLU A 17 -9.65 3.81 -2.97
CA GLU A 17 -10.49 4.65 -3.82
C GLU A 17 -11.53 3.81 -4.54
N LEU A 18 -11.13 2.61 -4.96
CA LEU A 18 -12.05 1.72 -5.66
C LEU A 18 -13.20 1.33 -4.76
N GLY A 19 -12.90 1.06 -3.50
CA GLY A 19 -13.94 0.67 -2.53
C GLY A 19 -13.59 -0.63 -1.85
N SER B 1 -12.31 -0.82 -1.53
CA SER B 1 -11.85 -2.04 -0.87
C SER B 1 -10.85 -1.70 0.24
N PRO B 2 -11.33 -1.15 1.32
CA PRO B 2 -10.45 -0.78 2.48
C PRO B 2 -9.61 -1.96 2.96
N GLU B 3 -10.20 -3.14 2.96
CA GLU B 3 -9.50 -4.34 3.39
C GLU B 3 -8.34 -4.63 2.45
N GLU B 4 -8.57 -4.46 1.15
CA GLU B 4 -7.53 -4.68 0.17
C GLU B 4 -6.41 -3.68 0.37
N ARG B 5 -6.79 -2.44 0.65
CA ARG B 5 -5.81 -1.39 0.88
C ARG B 5 -4.96 -1.72 2.10
N ALA B 6 -5.62 -2.15 3.17
CA ALA B 6 -4.90 -2.45 4.40
C ALA B 6 -3.89 -3.57 4.17
N GLN B 7 -4.29 -4.57 3.42
CA GLN B 7 -3.41 -5.69 3.13
C GLN B 7 -2.21 -5.22 2.31
N LEU B 8 -2.46 -4.29 1.39
CA LEU B 8 -1.39 -3.77 0.55
C LEU B 8 -0.62 -2.67 1.28
N CYS B 9 -1.25 -2.08 2.28
CA CYS B 9 -0.62 -1.00 3.04
C CYS B 9 0.63 -1.52 3.74
N THR B 10 0.51 -2.65 4.42
CA THR B 10 1.65 -3.24 5.12
C THR B 10 2.77 -3.53 4.14
N ALA B 11 2.42 -3.98 2.95
CA ALA B 11 3.43 -4.30 1.95
C ALA B 11 4.24 -3.04 1.60
N ALA B 12 3.54 -1.92 1.40
CA ALA B 12 4.21 -0.67 1.09
C ALA B 12 5.03 -0.17 2.29
N GLU B 13 4.42 -0.21 3.46
CA GLU B 13 5.09 0.23 4.68
C GLU B 13 6.26 -0.68 5.01
N LYS B 14 6.05 -1.98 4.86
CA LYS B 14 7.07 -2.96 5.13
C LYS B 14 8.26 -2.75 4.20
N ALA B 15 7.97 -2.46 2.94
CA ALA B 15 9.02 -2.25 1.94
C ALA B 15 9.92 -1.09 2.37
N ASP B 16 9.31 -0.04 2.89
CA ASP B 16 10.07 1.12 3.35
C ASP B 16 11.00 0.72 4.50
N GLU B 17 10.50 -0.13 5.39
CA GLU B 17 11.29 -0.58 6.53
C GLU B 17 12.52 -1.35 6.06
N LEU B 18 12.34 -2.15 5.00
CA LEU B 18 13.44 -2.94 4.46
C LEU B 18 14.55 -2.02 3.95
N GLY B 19 14.16 -0.94 3.29
CA GLY B 19 15.12 0.02 2.75
C GLY B 19 14.87 0.27 1.26
N SER A 1 13.26 0.45 0.93
CA SER A 1 12.87 0.49 -0.48
C SER A 1 11.78 1.54 -0.67
N PRO A 2 12.12 2.81 -0.60
CA PRO A 2 11.12 3.91 -0.76
C PRO A 2 10.42 3.86 -2.11
N GLU A 3 11.15 3.46 -3.14
CA GLU A 3 10.57 3.36 -4.47
C GLU A 3 9.54 2.25 -4.52
N GLU A 4 9.84 1.14 -3.86
CA GLU A 4 8.92 0.02 -3.82
C GLU A 4 7.66 0.42 -3.06
N ARG A 5 7.87 1.12 -1.95
CA ARG A 5 6.77 1.59 -1.14
C ARG A 5 5.88 2.54 -1.94
N ALA A 6 6.51 3.44 -2.69
CA ALA A 6 5.74 4.40 -3.47
C ALA A 6 4.82 3.69 -4.45
N GLN A 7 5.34 2.69 -5.13
CA GLN A 7 4.52 1.95 -6.08
C GLN A 7 3.39 1.20 -5.36
N LEU A 8 3.73 0.58 -4.24
CA LEU A 8 2.73 -0.16 -3.46
C LEU A 8 1.68 0.80 -2.90
N CYS A 9 2.13 1.97 -2.48
CA CYS A 9 1.22 2.97 -1.93
C CYS A 9 0.18 3.35 -2.98
N THR A 10 0.61 3.46 -4.23
CA THR A 10 -0.31 3.79 -5.30
C THR A 10 -1.37 2.72 -5.42
N ALA A 11 -0.95 1.46 -5.39
CA ALA A 11 -1.91 0.37 -5.49
C ALA A 11 -2.87 0.41 -4.32
N ALA A 12 -2.34 0.61 -3.11
CA ALA A 12 -3.18 0.70 -1.92
C ALA A 12 -4.06 1.94 -1.97
N GLU A 13 -3.47 3.05 -2.38
CA GLU A 13 -4.19 4.30 -2.47
C GLU A 13 -5.30 4.21 -3.51
N LYS A 14 -4.95 3.65 -4.66
CA LYS A 14 -5.92 3.49 -5.73
C LYS A 14 -7.04 2.54 -5.31
N ALA A 15 -6.66 1.43 -4.67
CA ALA A 15 -7.63 0.45 -4.23
C ALA A 15 -8.57 1.07 -3.19
N ASP A 16 -8.02 1.89 -2.32
CA ASP A 16 -8.82 2.53 -1.28
C ASP A 16 -9.89 3.42 -1.90
N GLU A 17 -9.52 4.15 -2.95
CA GLU A 17 -10.46 5.03 -3.62
C GLU A 17 -11.60 4.21 -4.24
N LEU A 18 -11.25 3.07 -4.81
CA LEU A 18 -12.25 2.21 -5.44
C LEU A 18 -13.28 1.72 -4.42
N GLY A 19 -12.81 1.36 -3.23
CA GLY A 19 -13.68 0.89 -2.16
C GLY A 19 -13.26 -0.49 -1.66
N SER B 1 -11.98 -0.65 -1.36
CA SER B 1 -11.45 -1.92 -0.87
C SER B 1 -10.50 -1.68 0.30
N PRO B 2 -11.03 -1.31 1.46
CA PRO B 2 -10.18 -1.02 2.66
C PRO B 2 -9.34 -2.23 3.08
N GLU B 3 -9.89 -3.41 2.93
CA GLU B 3 -9.17 -4.64 3.27
C GLU B 3 -7.99 -4.83 2.33
N GLU B 4 -8.21 -4.53 1.06
CA GLU B 4 -7.13 -4.67 0.09
C GLU B 4 -6.04 -3.64 0.37
N ARG B 5 -6.47 -2.44 0.69
CA ARG B 5 -5.54 -1.37 1.01
C ARG B 5 -4.71 -1.74 2.24
N ALA B 6 -5.37 -2.31 3.24
CA ALA B 6 -4.68 -2.67 4.47
C ALA B 6 -3.56 -3.66 4.17
N GLN B 7 -3.85 -4.65 3.36
CA GLN B 7 -2.85 -5.66 3.00
C GLN B 7 -1.72 -5.00 2.20
N LEU B 8 -2.08 -4.13 1.26
CA LEU B 8 -1.07 -3.46 0.44
C LEU B 8 -0.23 -2.53 1.30
N CYS B 9 -0.87 -1.88 2.27
CA CYS B 9 -0.17 -0.97 3.16
C CYS B 9 0.92 -1.71 3.91
N THR B 10 0.63 -2.93 4.32
CA THR B 10 1.61 -3.73 5.04
C THR B 10 2.82 -3.97 4.16
N ALA B 11 2.59 -4.34 2.92
CA ALA B 11 3.70 -4.59 2.01
C ALA B 11 4.50 -3.31 1.81
N ALA B 12 3.80 -2.20 1.58
CA ALA B 12 4.47 -0.91 1.39
C ALA B 12 5.16 -0.48 2.68
N GLU B 13 4.46 -0.66 3.79
CA GLU B 13 5.01 -0.28 5.08
C GLU B 13 6.21 -1.14 5.42
N LYS B 14 6.09 -2.44 5.20
CA LYS B 14 7.18 -3.36 5.45
C LYS B 14 8.37 -3.05 4.54
N ALA B 15 8.09 -2.81 3.27
CA ALA B 15 9.13 -2.50 2.31
C ALA B 15 9.87 -1.21 2.69
N ASP B 16 9.11 -0.24 3.17
CA ASP B 16 9.68 1.04 3.58
C ASP B 16 10.68 0.84 4.72
N GLU B 17 10.32 -0.01 5.68
CA GLU B 17 11.19 -0.28 6.80
C GLU B 17 12.49 -0.92 6.32
N LEU B 18 12.39 -1.82 5.36
CA LEU B 18 13.56 -2.51 4.84
C LEU B 18 14.53 -1.51 4.20
N GLY B 19 13.99 -0.54 3.46
CA GLY B 19 14.81 0.48 2.81
C GLY B 19 14.54 0.52 1.31
N SER A 1 12.38 -1.04 1.90
CA SER A 1 12.11 -0.80 0.48
C SER A 1 11.24 0.44 0.32
N PRO A 2 11.82 1.60 0.46
CA PRO A 2 11.08 2.90 0.33
C PRO A 2 10.33 3.00 -0.99
N GLU A 3 10.95 2.48 -2.05
CA GLU A 3 10.33 2.52 -3.36
C GLU A 3 9.07 1.67 -3.39
N GLU A 4 9.11 0.51 -2.75
CA GLU A 4 7.94 -0.35 -2.73
C GLU A 4 6.82 0.36 -2.00
N ARG A 5 7.16 1.07 -0.95
CA ARG A 5 6.16 1.80 -0.20
C ARG A 5 5.43 2.81 -1.09
N ALA A 6 6.17 3.56 -1.90
CA ALA A 6 5.53 4.54 -2.76
C ALA A 6 4.59 3.85 -3.74
N GLN A 7 5.05 2.77 -4.34
CA GLN A 7 4.22 2.04 -5.30
C GLN A 7 3.08 1.30 -4.58
N LEU A 8 3.39 0.71 -3.43
CA LEU A 8 2.39 -0.02 -2.65
C LEU A 8 1.31 0.94 -2.12
N CYS A 9 1.75 2.12 -1.67
CA CYS A 9 0.81 3.12 -1.17
C CYS A 9 -0.15 3.55 -2.26
N THR A 10 0.36 3.70 -3.47
CA THR A 10 -0.48 4.10 -4.59
C THR A 10 -1.58 3.08 -4.78
N ALA A 11 -1.22 1.80 -4.74
CA ALA A 11 -2.22 0.76 -4.91
C ALA A 11 -3.28 0.87 -3.81
N ALA A 12 -2.83 1.06 -2.57
CA ALA A 12 -3.75 1.21 -1.44
C ALA A 12 -4.59 2.47 -1.60
N GLU A 13 -3.94 3.57 -1.98
CA GLU A 13 -4.62 4.84 -2.16
C GLU A 13 -5.61 4.76 -3.33
N LYS A 14 -5.15 4.17 -4.41
CA LYS A 14 -5.98 4.00 -5.59
C LYS A 14 -7.15 3.07 -5.28
N ALA A 15 -6.87 2.02 -4.51
CA ALA A 15 -7.90 1.06 -4.16
C ALA A 15 -9.03 1.76 -3.40
N ASP A 16 -8.66 2.68 -2.51
CA ASP A 16 -9.66 3.43 -1.76
C ASP A 16 -10.54 4.22 -2.71
N GLU A 17 -9.91 4.83 -3.71
CA GLU A 17 -10.64 5.62 -4.69
C GLU A 17 -11.60 4.73 -5.48
N LEU A 18 -11.14 3.54 -5.83
CA LEU A 18 -11.97 2.60 -6.59
C LEU A 18 -13.19 2.18 -5.77
N GLY A 19 -12.98 1.93 -4.48
CA GLY A 19 -14.07 1.52 -3.59
C GLY A 19 -13.81 0.11 -3.04
N SER B 1 -12.69 -0.06 -2.35
CA SER B 1 -12.33 -1.36 -1.77
C SER B 1 -11.59 -1.15 -0.45
N PRO B 2 -12.32 -0.83 0.59
CA PRO B 2 -11.73 -0.59 1.95
C PRO B 2 -10.86 -1.76 2.42
N GLU B 3 -11.30 -2.96 2.10
CA GLU B 3 -10.57 -4.15 2.49
C GLU B 3 -9.22 -4.20 1.79
N GLU B 4 -9.19 -3.84 0.51
CA GLU B 4 -7.94 -3.85 -0.22
C GLU B 4 -6.97 -2.87 0.42
N ARG B 5 -7.49 -1.73 0.84
CA ARG B 5 -6.66 -0.73 1.49
C ARG B 5 -5.98 -1.30 2.72
N ALA B 6 -6.72 -2.00 3.56
CA ALA B 6 -6.14 -2.56 4.77
C ALA B 6 -5.02 -3.53 4.41
N GLN B 7 -5.30 -4.41 3.45
CA GLN B 7 -4.31 -5.39 3.02
C GLN B 7 -3.17 -4.71 2.24
N LEU B 8 -3.52 -3.72 1.41
CA LEU B 8 -2.51 -3.02 0.62
C LEU B 8 -1.61 -2.17 1.52
N CYS B 9 -2.20 -1.55 2.54
CA CYS B 9 -1.44 -0.73 3.48
C CYS B 9 -0.41 -1.58 4.21
N THR B 10 -0.82 -2.78 4.58
CA THR B 10 0.07 -3.69 5.29
C THR B 10 1.30 -3.96 4.45
N ALA B 11 1.10 -4.22 3.16
CA ALA B 11 2.22 -4.48 2.28
C ALA B 11 3.14 -3.25 2.23
N ALA B 12 2.53 -2.07 2.10
CA ALA B 12 3.32 -0.84 2.07
C ALA B 12 4.02 -0.62 3.41
N GLU B 13 3.27 -0.82 4.49
CA GLU B 13 3.82 -0.64 5.83
C GLU B 13 4.91 -1.67 6.11
N LYS B 14 4.64 -2.91 5.76
CA LYS B 14 5.60 -3.99 5.94
C LYS B 14 6.83 -3.74 5.08
N ALA B 15 6.60 -3.25 3.86
CA ALA B 15 7.70 -2.98 2.95
C ALA B 15 8.65 -1.96 3.56
N ASP B 16 8.10 -0.95 4.22
CA ASP B 16 8.92 0.06 4.85
C ASP B 16 9.79 -0.58 5.93
N GLU B 17 9.19 -1.51 6.68
CA GLU B 17 9.92 -2.20 7.74
C GLU B 17 11.05 -3.03 7.14
N LEU B 18 10.77 -3.69 6.01
CA LEU B 18 11.78 -4.52 5.36
C LEU B 18 12.96 -3.68 4.89
N GLY B 19 12.66 -2.50 4.34
CA GLY B 19 13.70 -1.59 3.85
C GLY B 19 13.58 -1.39 2.34
N SER A 1 13.25 0.18 0.73
CA SER A 1 12.83 0.26 -0.67
C SER A 1 11.79 1.36 -0.83
N PRO A 2 12.19 2.61 -0.71
CA PRO A 2 11.26 3.77 -0.83
C PRO A 2 10.56 3.79 -2.20
N GLU A 3 11.26 3.38 -3.23
CA GLU A 3 10.68 3.35 -4.57
C GLU A 3 9.58 2.32 -4.63
N GLU A 4 9.81 1.15 -4.00
CA GLU A 4 8.81 0.10 -3.99
C GLU A 4 7.63 0.55 -3.15
N ARG A 5 7.92 1.22 -2.04
CA ARG A 5 6.87 1.72 -1.18
C ARG A 5 5.99 2.70 -1.93
N ALA A 6 6.59 3.58 -2.70
CA ALA A 6 5.83 4.57 -3.45
C ALA A 6 4.86 3.89 -4.40
N GLN A 7 5.34 2.87 -5.10
CA GLN A 7 4.49 2.13 -6.04
C GLN A 7 3.38 1.40 -5.27
N LEU A 8 3.75 0.79 -4.16
CA LEU A 8 2.78 0.06 -3.33
C LEU A 8 1.75 1.03 -2.76
N CYS A 9 2.22 2.19 -2.35
CA CYS A 9 1.34 3.19 -1.77
C CYS A 9 0.24 3.53 -2.76
N THR A 10 0.61 3.64 -4.03
CA THR A 10 -0.35 3.93 -5.08
C THR A 10 -1.37 2.82 -5.17
N ALA A 11 -0.92 1.58 -5.12
CA ALA A 11 -1.83 0.45 -5.19
C ALA A 11 -2.81 0.49 -4.01
N ALA A 12 -2.28 0.74 -2.82
CA ALA A 12 -3.13 0.82 -1.62
C ALA A 12 -4.06 2.02 -1.72
N GLU A 13 -3.52 3.16 -2.15
CA GLU A 13 -4.30 4.37 -2.28
C GLU A 13 -5.36 4.20 -3.35
N LYS A 14 -4.97 3.62 -4.48
CA LYS A 14 -5.89 3.40 -5.57
C LYS A 14 -6.99 2.43 -5.16
N ALA A 15 -6.60 1.38 -4.45
CA ALA A 15 -7.56 0.38 -4.00
C ALA A 15 -8.61 1.01 -3.09
N ASP A 16 -8.16 1.91 -2.24
CA ASP A 16 -9.07 2.59 -1.31
C ASP A 16 -10.12 3.37 -2.09
N GLU A 17 -9.70 4.07 -3.14
CA GLU A 17 -10.62 4.84 -3.95
C GLU A 17 -11.61 3.92 -4.65
N LEU A 18 -11.11 2.79 -5.14
CA LEU A 18 -11.97 1.83 -5.83
C LEU A 18 -13.04 1.30 -4.89
N GLY A 19 -12.65 1.03 -3.64
CA GLY A 19 -13.58 0.50 -2.65
C GLY A 19 -13.11 -0.86 -2.13
N SER B 1 -11.91 -0.90 -1.55
CA SER B 1 -11.36 -2.14 -1.01
C SER B 1 -10.47 -1.84 0.19
N PRO B 2 -11.07 -1.47 1.31
CA PRO B 2 -10.29 -1.15 2.55
C PRO B 2 -9.46 -2.34 3.02
N GLU B 3 -9.98 -3.54 2.86
CA GLU B 3 -9.25 -4.74 3.26
C GLU B 3 -8.02 -4.90 2.41
N GLU B 4 -8.15 -4.64 1.11
CA GLU B 4 -7.03 -4.76 0.20
C GLU B 4 -6.01 -3.67 0.51
N ARG B 5 -6.52 -2.48 0.81
CA ARG B 5 -5.65 -1.37 1.16
C ARG B 5 -4.83 -1.70 2.39
N ALA B 6 -5.48 -2.30 3.38
CA ALA B 6 -4.78 -2.64 4.62
C ALA B 6 -3.62 -3.58 4.33
N GLN B 7 -3.88 -4.59 3.51
CA GLN B 7 -2.83 -5.54 3.15
C GLN B 7 -1.73 -4.87 2.34
N LEU B 8 -2.14 -3.99 1.42
CA LEU B 8 -1.17 -3.27 0.60
C LEU B 8 -0.36 -2.31 1.44
N CYS B 9 -1.02 -1.68 2.41
CA CYS B 9 -0.36 -0.74 3.29
C CYS B 9 0.79 -1.44 4.01
N THR B 10 0.55 -2.67 4.43
CA THR B 10 1.58 -3.45 5.12
C THR B 10 2.76 -3.68 4.20
N ALA B 11 2.49 -4.03 2.95
CA ALA B 11 3.56 -4.26 1.99
C ALA B 11 4.38 -3.00 1.79
N ALA B 12 3.68 -1.87 1.64
CA ALA B 12 4.36 -0.59 1.47
C ALA B 12 5.12 -0.21 2.73
N GLU B 13 4.47 -0.40 3.88
CA GLU B 13 5.08 -0.09 5.16
C GLU B 13 6.28 -1.00 5.42
N LYS B 14 6.09 -2.28 5.14
CA LYS B 14 7.16 -3.24 5.33
C LYS B 14 8.33 -2.95 4.40
N ALA B 15 8.01 -2.60 3.16
CA ALA B 15 9.04 -2.31 2.18
C ALA B 15 9.88 -1.12 2.63
N ASP B 16 9.22 -0.13 3.21
CA ASP B 16 9.91 1.06 3.69
C ASP B 16 10.93 0.68 4.76
N GLU B 17 10.53 -0.20 5.69
CA GLU B 17 11.41 -0.62 6.75
C GLU B 17 12.61 -1.39 6.18
N LEU B 18 12.34 -2.23 5.18
CA LEU B 18 13.39 -3.02 4.56
C LEU B 18 14.42 -2.12 3.90
N GLY B 19 13.94 -1.06 3.25
CA GLY B 19 14.82 -0.10 2.57
C GLY B 19 14.52 -0.06 1.08
N SER A 1 12.40 -1.30 1.85
CA SER A 1 12.10 -1.07 0.44
C SER A 1 11.23 0.17 0.29
N PRO A 2 11.80 1.33 0.49
CA PRO A 2 11.06 2.62 0.36
C PRO A 2 10.37 2.76 -1.00
N GLU A 3 11.04 2.27 -2.05
CA GLU A 3 10.48 2.35 -3.40
C GLU A 3 9.20 1.53 -3.49
N GLU A 4 9.20 0.36 -2.88
CA GLU A 4 8.02 -0.50 -2.84
C GLU A 4 6.91 0.19 -2.06
N ARG A 5 7.27 0.84 -0.97
CA ARG A 5 6.30 1.54 -0.16
C ARG A 5 5.58 2.60 -0.99
N ALA A 6 6.34 3.38 -1.74
CA ALA A 6 5.75 4.45 -2.54
C ALA A 6 4.77 3.88 -3.55
N GLN A 7 5.19 2.82 -4.23
CA GLN A 7 4.32 2.19 -5.23
C GLN A 7 3.15 1.47 -4.55
N LEU A 8 3.43 0.80 -3.45
CA LEU A 8 2.41 0.09 -2.71
C LEU A 8 1.40 1.07 -2.11
N CYS A 9 1.91 2.20 -1.65
CA CYS A 9 1.05 3.20 -1.02
C CYS A 9 -0.04 3.64 -1.99
N THR A 10 0.33 3.87 -3.25
CA THR A 10 -0.65 4.26 -4.25
C THR A 10 -1.68 3.16 -4.46
N ALA A 11 -1.24 1.91 -4.37
CA ALA A 11 -2.15 0.79 -4.56
C ALA A 11 -3.25 0.82 -3.49
N ALA A 12 -2.87 1.08 -2.25
CA ALA A 12 -3.83 1.15 -1.16
C ALA A 12 -4.74 2.36 -1.30
N GLU A 13 -4.14 3.52 -1.53
CA GLU A 13 -4.92 4.75 -1.68
C GLU A 13 -5.78 4.68 -2.93
N LYS A 14 -5.21 4.21 -4.02
CA LYS A 14 -5.93 4.10 -5.27
C LYS A 14 -7.08 3.11 -5.14
N ALA A 15 -6.82 2.00 -4.45
CA ALA A 15 -7.83 0.97 -4.26
C ALA A 15 -9.02 1.53 -3.51
N ASP A 16 -8.74 2.34 -2.50
CA ASP A 16 -9.79 2.95 -1.70
C ASP A 16 -10.66 3.87 -2.57
N GLU A 17 -10.01 4.61 -3.46
CA GLU A 17 -10.74 5.51 -4.35
C GLU A 17 -11.67 4.73 -5.27
N LEU A 18 -11.19 3.58 -5.75
CA LEU A 18 -11.98 2.74 -6.63
C LEU A 18 -13.22 2.22 -5.91
N GLY A 19 -13.03 1.83 -4.66
CA GLY A 19 -14.14 1.31 -3.85
C GLY A 19 -13.82 -0.08 -3.31
N SER B 1 -12.70 -0.19 -2.60
CA SER B 1 -12.29 -1.47 -2.04
C SER B 1 -11.54 -1.24 -0.72
N PRO B 2 -12.26 -0.84 0.31
CA PRO B 2 -11.66 -0.59 1.65
C PRO B 2 -10.87 -1.79 2.16
N GLU B 3 -11.36 -2.99 1.87
CA GLU B 3 -10.68 -4.21 2.31
C GLU B 3 -9.32 -4.32 1.67
N GLU B 4 -9.24 -4.01 0.38
CA GLU B 4 -7.98 -4.03 -0.34
C GLU B 4 -7.03 -2.99 0.23
N ARG B 5 -7.57 -1.83 0.57
CA ARG B 5 -6.76 -0.78 1.15
C ARG B 5 -6.10 -1.27 2.44
N ALA B 6 -6.89 -1.90 3.30
CA ALA B 6 -6.37 -2.37 4.58
C ALA B 6 -5.24 -3.36 4.36
N GLN B 7 -5.46 -4.30 3.45
CA GLN B 7 -4.44 -5.30 3.15
C GLN B 7 -3.26 -4.68 2.41
N LEU B 8 -3.57 -3.76 1.49
CA LEU B 8 -2.54 -3.10 0.72
C LEU B 8 -1.71 -2.17 1.60
N CYS B 9 -2.37 -1.55 2.56
CA CYS B 9 -1.70 -0.61 3.46
C CYS B 9 -0.55 -1.31 4.19
N THR B 10 -0.83 -2.51 4.69
CA THR B 10 0.18 -3.28 5.39
C THR B 10 1.36 -3.59 4.48
N ALA B 11 1.07 -3.84 3.21
CA ALA B 11 2.13 -4.15 2.25
C ALA B 11 3.09 -2.98 2.13
N ALA B 12 2.56 -1.76 2.07
CA ALA B 12 3.39 -0.58 1.96
C ALA B 12 4.16 -0.35 3.26
N GLU B 13 3.46 -0.39 4.38
CA GLU B 13 4.09 -0.17 5.67
C GLU B 13 5.08 -1.29 5.98
N LYS B 14 4.67 -2.52 5.72
CA LYS B 14 5.52 -3.68 5.98
C LYS B 14 6.75 -3.62 5.09
N ALA B 15 6.54 -3.24 3.83
CA ALA B 15 7.66 -3.16 2.88
C ALA B 15 8.69 -2.15 3.36
N ASP B 16 8.21 -1.03 3.89
CA ASP B 16 9.11 0.01 4.39
C ASP B 16 9.94 -0.53 5.55
N GLU B 17 9.31 -1.30 6.42
CA GLU B 17 10.00 -1.88 7.57
C GLU B 17 11.09 -2.83 7.11
N LEU B 18 10.80 -3.60 6.07
CA LEU B 18 11.76 -4.56 5.54
C LEU B 18 12.98 -3.83 4.98
N GLY B 19 12.74 -2.71 4.31
CA GLY B 19 13.82 -1.92 3.74
C GLY B 19 13.61 -1.71 2.24
N SER A 1 12.29 -1.12 1.78
CA SER A 1 12.01 -0.98 0.34
C SER A 1 11.18 0.27 0.09
N PRO A 2 11.80 1.44 0.12
CA PRO A 2 11.07 2.73 -0.09
C PRO A 2 10.39 2.79 -1.47
N GLU A 3 11.01 2.15 -2.46
CA GLU A 3 10.44 2.13 -3.81
C GLU A 3 9.14 1.34 -3.81
N GLU A 4 9.14 0.22 -3.11
CA GLU A 4 7.93 -0.59 -3.01
C GLU A 4 6.88 0.15 -2.22
N ARG A 5 7.30 0.83 -1.17
CA ARG A 5 6.37 1.58 -0.36
C ARG A 5 5.65 2.61 -1.21
N ALA A 6 6.38 3.35 -2.02
CA ALA A 6 5.77 4.37 -2.84
C ALA A 6 4.74 3.77 -3.78
N GLN A 7 5.11 2.67 -4.42
CA GLN A 7 4.20 2.01 -5.34
C GLN A 7 3.05 1.33 -4.59
N LEU A 8 3.38 0.71 -3.47
CA LEU A 8 2.37 0.04 -2.65
C LEU A 8 1.38 1.04 -2.07
N CYS A 9 1.91 2.19 -1.66
CA CYS A 9 1.06 3.24 -1.09
C CYS A 9 0.04 3.69 -2.13
N THR A 10 0.49 3.81 -3.37
CA THR A 10 -0.38 4.22 -4.46
C THR A 10 -1.51 3.23 -4.62
N ALA A 11 -1.20 1.95 -4.56
CA ALA A 11 -2.22 0.93 -4.71
C ALA A 11 -3.29 1.08 -3.63
N ALA A 12 -2.85 1.28 -2.39
CA ALA A 12 -3.80 1.47 -1.29
C ALA A 12 -4.59 2.76 -1.48
N GLU A 13 -3.88 3.83 -1.86
CA GLU A 13 -4.52 5.12 -2.06
C GLU A 13 -5.50 5.05 -3.22
N LYS A 14 -5.07 4.44 -4.31
CA LYS A 14 -5.90 4.28 -5.48
C LYS A 14 -7.09 3.36 -5.19
N ALA A 15 -6.83 2.33 -4.39
CA ALA A 15 -7.87 1.37 -4.04
C ALA A 15 -9.02 2.07 -3.32
N ASP A 16 -8.68 3.07 -2.52
CA ASP A 16 -9.70 3.81 -1.79
C ASP A 16 -10.67 4.48 -2.75
N GLU A 17 -10.13 5.02 -3.84
CA GLU A 17 -10.97 5.68 -4.84
C GLU A 17 -11.90 4.67 -5.51
N LEU A 18 -11.37 3.49 -5.80
CA LEU A 18 -12.16 2.45 -6.44
C LEU A 18 -13.32 2.02 -5.55
N GLY A 19 -13.05 1.91 -4.25
CA GLY A 19 -14.08 1.51 -3.29
C GLY A 19 -13.82 0.08 -2.80
N SER B 1 -12.56 -0.20 -2.45
CA SER B 1 -12.17 -1.52 -1.96
C SER B 1 -11.47 -1.37 -0.61
N PRO B 2 -12.21 -1.14 0.45
CA PRO B 2 -11.62 -0.98 1.82
C PRO B 2 -10.84 -2.21 2.26
N GLU B 3 -11.28 -3.38 1.80
CA GLU B 3 -10.60 -4.63 2.15
C GLU B 3 -9.22 -4.66 1.52
N GLU B 4 -9.13 -4.23 0.27
CA GLU B 4 -7.86 -4.18 -0.42
C GLU B 4 -6.96 -3.14 0.23
N ARG B 5 -7.56 -2.01 0.57
CA ARG B 5 -6.80 -0.96 1.21
C ARG B 5 -6.14 -1.46 2.48
N ALA B 6 -6.90 -2.17 3.30
CA ALA B 6 -6.35 -2.66 4.55
C ALA B 6 -5.17 -3.58 4.29
N GLN B 7 -5.34 -4.50 3.35
CA GLN B 7 -4.26 -5.43 3.01
C GLN B 7 -3.13 -4.71 2.28
N LEU B 8 -3.48 -3.77 1.40
CA LEU B 8 -2.48 -3.03 0.65
C LEU B 8 -1.68 -2.13 1.58
N CYS B 9 -2.36 -1.54 2.55
CA CYS B 9 -1.71 -0.66 3.51
C CYS B 9 -0.66 -1.43 4.30
N THR B 10 -0.99 -2.67 4.65
CA THR B 10 -0.07 -3.52 5.40
C THR B 10 1.19 -3.77 4.59
N ALA B 11 1.02 -4.02 3.30
CA ALA B 11 2.17 -4.28 2.45
C ALA B 11 3.10 -3.07 2.45
N ALA B 12 2.53 -1.87 2.30
CA ALA B 12 3.33 -0.66 2.31
C ALA B 12 3.97 -0.46 3.69
N GLU B 13 3.17 -0.67 4.73
CA GLU B 13 3.67 -0.50 6.09
C GLU B 13 4.76 -1.52 6.39
N LYS B 14 4.51 -2.77 6.02
CA LYS B 14 5.47 -3.84 6.21
C LYS B 14 6.72 -3.61 5.37
N ALA B 15 6.52 -3.11 4.16
CA ALA B 15 7.63 -2.86 3.25
C ALA B 15 8.61 -1.86 3.87
N ASP B 16 8.08 -0.91 4.61
CA ASP B 16 8.93 0.08 5.26
C ASP B 16 9.90 -0.58 6.22
N GLU B 17 9.41 -1.58 6.96
CA GLU B 17 10.25 -2.30 7.90
C GLU B 17 11.35 -3.07 7.17
N LEU B 18 10.98 -3.67 6.05
CA LEU B 18 11.94 -4.44 5.26
C LEU B 18 13.06 -3.55 4.74
N GLY B 19 12.69 -2.35 4.30
CA GLY B 19 13.66 -1.40 3.76
C GLY B 19 13.52 -1.28 2.25
N SER A 1 11.72 -1.09 3.30
CA SER A 1 11.56 -1.00 1.84
C SER A 1 10.79 0.26 1.48
N PRO A 2 11.40 1.40 1.63
CA PRO A 2 10.75 2.72 1.31
C PRO A 2 10.22 2.75 -0.13
N GLU A 3 10.99 2.17 -1.04
CA GLU A 3 10.59 2.15 -2.44
C GLU A 3 9.33 1.33 -2.63
N GLU A 4 9.25 0.20 -1.92
CA GLU A 4 8.07 -0.63 -2.02
C GLU A 4 6.88 0.10 -1.43
N ARG A 5 7.12 0.79 -0.33
CA ARG A 5 6.07 1.55 0.33
C ARG A 5 5.51 2.61 -0.60
N ALA A 6 6.38 3.34 -1.28
CA ALA A 6 5.92 4.37 -2.20
C ALA A 6 5.07 3.78 -3.33
N GLN A 7 5.54 2.67 -3.90
CA GLN A 7 4.80 2.02 -4.98
C GLN A 7 3.47 1.44 -4.48
N LEU A 8 3.51 0.81 -3.30
CA LEU A 8 2.29 0.24 -2.73
C LEU A 8 1.30 1.34 -2.35
N CYS A 9 1.82 2.45 -1.83
CA CYS A 9 0.97 3.57 -1.45
C CYS A 9 0.21 4.07 -2.66
N THR A 10 0.86 4.12 -3.80
CA THR A 10 0.20 4.56 -5.00
C THR A 10 -0.96 3.63 -5.33
N ALA A 11 -0.72 2.32 -5.26
CA ALA A 11 -1.78 1.37 -5.54
C ALA A 11 -2.93 1.54 -4.55
N ALA A 12 -2.59 1.66 -3.27
CA ALA A 12 -3.61 1.83 -2.24
C ALA A 12 -4.28 3.19 -2.38
N GLU A 13 -3.47 4.22 -2.58
CA GLU A 13 -3.97 5.57 -2.71
C GLU A 13 -4.81 5.70 -3.98
N LYS A 14 -4.31 5.15 -5.07
CA LYS A 14 -5.03 5.19 -6.33
C LYS A 14 -6.33 4.40 -6.24
N ALA A 15 -6.24 3.21 -5.65
CA ALA A 15 -7.40 2.35 -5.48
C ALA A 15 -8.44 3.02 -4.59
N ASP A 16 -7.96 3.71 -3.55
CA ASP A 16 -8.86 4.38 -2.63
C ASP A 16 -9.69 5.43 -3.36
N GLU A 17 -9.04 6.18 -4.25
CA GLU A 17 -9.73 7.20 -5.02
C GLU A 17 -10.81 6.55 -5.90
N LEU A 18 -10.45 5.43 -6.51
CA LEU A 18 -11.39 4.72 -7.39
C LEU A 18 -12.60 4.26 -6.61
N GLY A 19 -12.39 3.76 -5.38
CA GLY A 19 -13.48 3.29 -4.52
C GLY A 19 -13.26 1.83 -4.11
N SER B 1 -12.22 1.57 -3.32
CA SER B 1 -11.92 0.23 -2.86
C SER B 1 -11.27 0.27 -1.47
N PRO B 2 -12.03 0.63 -0.46
CA PRO B 2 -11.51 0.73 0.95
C PRO B 2 -10.84 -0.57 1.39
N GLU B 3 -11.43 -1.70 1.01
CA GLU B 3 -10.90 -3.00 1.37
C GLU B 3 -9.53 -3.20 0.76
N GLU B 4 -9.37 -2.78 -0.49
CA GLU B 4 -8.09 -2.93 -1.16
C GLU B 4 -7.08 -2.02 -0.49
N ARG B 5 -7.52 -0.83 -0.13
CA ARG B 5 -6.64 0.12 0.53
C ARG B 5 -6.12 -0.45 1.85
N ALA B 6 -7.02 -1.03 2.64
CA ALA B 6 -6.60 -1.60 3.92
C ALA B 6 -5.59 -2.72 3.72
N GLN B 7 -5.84 -3.59 2.75
CA GLN B 7 -4.93 -4.70 2.46
C GLN B 7 -3.61 -4.19 1.89
N LEU B 8 -3.67 -3.18 1.03
CA LEU B 8 -2.45 -2.64 0.43
C LEU B 8 -1.65 -1.87 1.48
N CYS B 9 -2.35 -1.16 2.36
CA CYS B 9 -1.69 -0.40 3.41
C CYS B 9 -0.85 -1.33 4.28
N THR B 10 -1.37 -2.50 4.55
CA THR B 10 -0.66 -3.47 5.36
C THR B 10 0.65 -3.85 4.67
N ALA B 11 0.57 -4.13 3.37
CA ALA B 11 1.77 -4.50 2.64
C ALA B 11 2.78 -3.35 2.66
N ALA B 12 2.29 -2.14 2.38
CA ALA B 12 3.16 -0.96 2.39
C ALA B 12 3.66 -0.68 3.80
N GLU B 13 2.73 -0.74 4.76
CA GLU B 13 3.07 -0.47 6.15
C GLU B 13 4.02 -1.53 6.68
N LYS B 14 3.72 -2.78 6.38
CA LYS B 14 4.54 -3.88 6.82
C LYS B 14 5.93 -3.82 6.15
N ALA B 15 5.93 -3.54 4.85
CA ALA B 15 7.17 -3.43 4.09
C ALA B 15 8.01 -2.26 4.61
N ASP B 16 7.34 -1.18 4.97
CA ASP B 16 8.02 0.00 5.46
C ASP B 16 8.79 -0.34 6.74
N GLU B 17 8.15 -1.10 7.62
CA GLU B 17 8.79 -1.50 8.87
C GLU B 17 10.01 -2.37 8.59
N LEU B 18 9.88 -3.27 7.63
CA LEU B 18 10.97 -4.16 7.26
C LEU B 18 12.16 -3.36 6.75
N GLY B 19 11.88 -2.35 5.94
CA GLY B 19 12.93 -1.49 5.38
C GLY B 19 12.88 -1.46 3.86
N SER A 1 12.84 -1.26 2.00
CA SER A 1 12.64 -0.93 0.59
C SER A 1 11.76 0.31 0.48
N PRO A 2 12.33 1.46 0.74
CA PRO A 2 11.58 2.76 0.67
C PRO A 2 10.89 2.95 -0.68
N GLU A 3 11.58 2.58 -1.75
CA GLU A 3 11.02 2.72 -3.08
C GLU A 3 9.83 1.79 -3.27
N GLU A 4 9.94 0.57 -2.74
CA GLU A 4 8.86 -0.40 -2.88
C GLU A 4 7.62 0.13 -2.20
N ARG A 5 7.82 0.75 -1.05
CA ARG A 5 6.72 1.34 -0.32
C ARG A 5 6.00 2.39 -1.16
N ALA A 6 6.77 3.24 -1.82
CA ALA A 6 6.18 4.30 -2.63
C ALA A 6 5.29 3.71 -3.71
N GLN A 7 5.77 2.67 -4.38
CA GLN A 7 4.98 2.03 -5.42
C GLN A 7 3.73 1.38 -4.81
N LEU A 8 3.90 0.71 -3.68
CA LEU A 8 2.78 0.07 -3.00
C LEU A 8 1.79 1.11 -2.50
N CYS A 9 2.30 2.22 -1.98
CA CYS A 9 1.44 3.28 -1.46
C CYS A 9 0.50 3.76 -2.55
N THR A 10 1.03 3.87 -3.76
CA THR A 10 0.22 4.29 -4.90
C THR A 10 -0.89 3.29 -5.14
N ALA A 11 -0.56 2.00 -5.11
CA ALA A 11 -1.56 0.98 -5.32
C ALA A 11 -2.63 1.07 -4.24
N ALA A 12 -2.20 1.23 -2.99
CA ALA A 12 -3.15 1.34 -1.88
C ALA A 12 -3.98 2.60 -2.03
N GLU A 13 -3.31 3.71 -2.34
CA GLU A 13 -4.00 4.98 -2.51
C GLU A 13 -4.93 4.94 -3.72
N LYS A 14 -4.42 4.40 -4.81
CA LYS A 14 -5.20 4.27 -6.04
C LYS A 14 -6.37 3.32 -5.83
N ALA A 15 -6.12 2.24 -5.10
CA ALA A 15 -7.16 1.26 -4.84
C ALA A 15 -8.33 1.90 -4.11
N ASP A 16 -8.01 2.77 -3.16
CA ASP A 16 -9.05 3.47 -2.41
C ASP A 16 -9.88 4.34 -3.34
N GLU A 17 -9.20 5.01 -4.27
CA GLU A 17 -9.87 5.88 -5.22
C GLU A 17 -10.82 5.08 -6.10
N LEU A 18 -10.40 3.89 -6.49
CA LEU A 18 -11.22 3.04 -7.35
C LEU A 18 -12.51 2.65 -6.63
N GLY A 19 -12.40 2.34 -5.34
CA GLY A 19 -13.56 1.95 -4.53
C GLY A 19 -13.38 0.58 -3.89
N SER B 1 -12.23 0.40 -3.22
CA SER B 1 -11.93 -0.87 -2.56
C SER B 1 -11.21 -0.60 -1.24
N PRO B 2 -11.93 -0.15 -0.25
CA PRO B 2 -11.35 0.18 1.10
C PRO B 2 -10.55 -0.99 1.66
N GLU B 3 -11.07 -2.20 1.51
CA GLU B 3 -10.40 -3.39 2.02
C GLU B 3 -9.09 -3.62 1.27
N GLU B 4 -9.12 -3.43 -0.04
CA GLU B 4 -7.93 -3.65 -0.85
C GLU B 4 -6.83 -2.71 -0.39
N ARG B 5 -7.22 -1.49 -0.08
CA ARG B 5 -6.27 -0.50 0.39
C ARG B 5 -5.59 -0.98 1.67
N ALA B 6 -6.38 -1.51 2.61
CA ALA B 6 -5.83 -1.98 3.87
C ALA B 6 -4.78 -3.04 3.64
N GLN B 7 -5.09 -3.99 2.76
CA GLN B 7 -4.13 -5.04 2.46
C GLN B 7 -2.88 -4.46 1.80
N LEU B 8 -3.08 -3.51 0.88
CA LEU B 8 -1.96 -2.90 0.20
C LEU B 8 -1.15 -2.04 1.16
N CYS B 9 -1.84 -1.35 2.07
CA CYS B 9 -1.18 -0.50 3.04
C CYS B 9 -0.19 -1.33 3.86
N THR B 10 -0.60 -2.53 4.22
CA THR B 10 0.26 -3.42 4.99
C THR B 10 1.50 -3.75 4.19
N ALA B 11 1.32 -4.07 2.90
CA ALA B 11 2.47 -4.38 2.07
C ALA B 11 3.39 -3.18 1.99
N ALA B 12 2.83 -2.00 1.80
CA ALA B 12 3.62 -0.78 1.73
C ALA B 12 4.32 -0.52 3.06
N GLU B 13 3.56 -0.67 4.14
CA GLU B 13 4.11 -0.45 5.47
C GLU B 13 5.16 -1.51 5.80
N LYS B 14 4.84 -2.75 5.49
CA LYS B 14 5.75 -3.86 5.74
C LYS B 14 6.99 -3.72 4.88
N ALA B 15 6.81 -3.30 3.64
CA ALA B 15 7.93 -3.14 2.71
C ALA B 15 8.92 -2.14 3.27
N ASP B 16 8.42 -1.07 3.86
CA ASP B 16 9.27 -0.05 4.44
C ASP B 16 10.08 -0.64 5.59
N GLU B 17 9.42 -1.47 6.40
CA GLU B 17 10.08 -2.10 7.54
C GLU B 17 11.20 -3.02 7.07
N LEU B 18 10.96 -3.73 5.97
CA LEU B 18 11.96 -4.65 5.43
C LEU B 18 13.21 -3.91 5.01
N GLY B 19 13.02 -2.74 4.40
CA GLY B 19 14.16 -1.91 3.95
C GLY B 19 14.05 -1.59 2.46
N SER A 1 12.86 -0.93 2.20
CA SER A 1 12.70 -0.67 0.77
C SER A 1 11.80 0.55 0.56
N PRO A 2 12.31 1.75 0.73
CA PRO A 2 11.46 2.98 0.59
C PRO A 2 10.85 3.11 -0.81
N GLU A 3 11.59 2.67 -1.82
CA GLU A 3 11.09 2.74 -3.18
C GLU A 3 9.94 1.75 -3.38
N GLU A 4 10.06 0.56 -2.79
CA GLU A 4 9.03 -0.44 -2.93
C GLU A 4 7.74 0.08 -2.33
N ARG A 5 7.87 0.75 -1.20
CA ARG A 5 6.73 1.34 -0.53
C ARG A 5 6.04 2.35 -1.43
N ALA A 6 6.83 3.18 -2.12
CA ALA A 6 6.25 4.20 -2.98
C ALA A 6 5.34 3.56 -4.02
N GLN A 7 5.81 2.49 -4.64
CA GLN A 7 5.00 1.80 -5.65
C GLN A 7 3.77 1.16 -4.99
N LEU A 8 3.98 0.54 -3.84
CA LEU A 8 2.89 -0.09 -3.10
C LEU A 8 1.89 0.95 -2.61
N CYS A 9 2.41 2.09 -2.16
CA CYS A 9 1.56 3.16 -1.65
C CYS A 9 0.58 3.61 -2.73
N THR A 10 1.09 3.68 -3.96
CA THR A 10 0.26 4.07 -5.09
C THR A 10 -0.87 3.08 -5.28
N ALA A 11 -0.55 1.79 -5.18
CA ALA A 11 -1.58 0.78 -5.35
C ALA A 11 -2.66 0.96 -4.28
N ALA A 12 -2.24 1.19 -3.04
CA ALA A 12 -3.18 1.40 -1.95
C ALA A 12 -3.96 2.71 -2.16
N GLU A 13 -3.25 3.76 -2.56
CA GLU A 13 -3.87 5.05 -2.80
C GLU A 13 -4.85 4.98 -3.97
N LYS A 14 -4.40 4.32 -5.03
CA LYS A 14 -5.21 4.14 -6.22
C LYS A 14 -6.46 3.33 -5.89
N ALA A 15 -6.29 2.31 -5.06
CA ALA A 15 -7.40 1.46 -4.67
C ALA A 15 -8.49 2.28 -3.96
N ASP A 16 -8.06 3.22 -3.13
CA ASP A 16 -8.99 4.07 -2.41
C ASP A 16 -9.83 4.88 -3.40
N GLU A 17 -9.19 5.39 -4.44
CA GLU A 17 -9.89 6.17 -5.44
C GLU A 17 -10.94 5.30 -6.16
N LEU A 18 -10.56 4.06 -6.45
CA LEU A 18 -11.47 3.14 -7.14
C LEU A 18 -12.70 2.85 -6.30
N GLY A 19 -12.49 2.67 -4.99
CA GLY A 19 -13.60 2.40 -4.07
C GLY A 19 -13.48 0.99 -3.46
N SER B 1 -12.27 0.65 -3.01
CA SER B 1 -12.02 -0.65 -2.40
C SER B 1 -11.26 -0.44 -1.08
N PRO B 2 -11.92 -0.08 0.00
CA PRO B 2 -11.23 0.19 1.30
C PRO B 2 -10.50 -1.05 1.82
N GLU B 3 -11.08 -2.21 1.59
CA GLU B 3 -10.46 -3.46 2.04
C GLU B 3 -9.19 -3.74 1.24
N GLU B 4 -9.23 -3.48 -0.06
CA GLU B 4 -8.08 -3.73 -0.90
C GLU B 4 -6.92 -2.87 -0.42
N ARG B 5 -7.24 -1.64 -0.07
CA ARG B 5 -6.23 -0.72 0.44
C ARG B 5 -5.59 -1.26 1.71
N ALA B 6 -6.41 -1.83 2.60
CA ALA B 6 -5.87 -2.34 3.85
C ALA B 6 -4.82 -3.39 3.58
N GLN B 7 -5.10 -4.29 2.65
CA GLN B 7 -4.13 -5.33 2.31
C GLN B 7 -2.89 -4.71 1.64
N LEU B 8 -3.13 -3.73 0.76
CA LEU B 8 -2.04 -3.05 0.07
C LEU B 8 -1.23 -2.21 1.03
N CYS B 9 -1.91 -1.59 1.98
CA CYS B 9 -1.25 -0.73 2.96
C CYS B 9 -0.22 -1.54 3.75
N THR B 10 -0.61 -2.77 4.08
CA THR B 10 0.27 -3.68 4.81
C THR B 10 1.52 -3.95 4.02
N ALA B 11 1.36 -4.19 2.72
CA ALA B 11 2.53 -4.46 1.88
C ALA B 11 3.46 -3.25 1.90
N ALA B 12 2.89 -2.06 1.77
CA ALA B 12 3.70 -0.83 1.79
C ALA B 12 4.32 -0.64 3.18
N GLU B 13 3.52 -0.86 4.21
CA GLU B 13 4.00 -0.71 5.58
C GLU B 13 5.08 -1.75 5.89
N LYS B 14 4.82 -2.97 5.48
CA LYS B 14 5.77 -4.06 5.69
C LYS B 14 7.06 -3.79 4.93
N ALA B 15 6.94 -3.25 3.73
CA ALA B 15 8.11 -2.94 2.92
C ALA B 15 9.01 -1.93 3.63
N ASP B 16 8.39 -0.96 4.29
CA ASP B 16 9.13 0.05 5.02
C ASP B 16 9.96 -0.60 6.13
N GLU B 17 9.37 -1.57 6.81
CA GLU B 17 10.07 -2.26 7.88
C GLU B 17 11.27 -3.03 7.33
N LEU B 18 11.08 -3.65 6.17
CA LEU B 18 12.15 -4.42 5.54
C LEU B 18 13.33 -3.51 5.17
N GLY B 19 13.02 -2.33 4.66
CA GLY B 19 14.06 -1.37 4.26
C GLY B 19 14.05 -1.12 2.76
N SER A 1 12.62 -0.58 2.43
CA SER A 1 12.46 -0.49 0.99
C SER A 1 11.49 0.64 0.65
N PRO A 2 11.91 1.89 0.77
CA PRO A 2 11.00 3.05 0.48
C PRO A 2 10.49 3.04 -0.96
N GLU A 3 11.31 2.54 -1.87
CA GLU A 3 10.92 2.45 -3.27
C GLU A 3 9.77 1.45 -3.43
N GLU A 4 9.87 0.35 -2.72
CA GLU A 4 8.83 -0.66 -2.78
C GLU A 4 7.54 -0.10 -2.18
N ARG A 5 7.69 0.62 -1.08
CA ARG A 5 6.54 1.23 -0.44
C ARG A 5 5.85 2.20 -1.37
N ALA A 6 6.63 3.02 -2.07
CA ALA A 6 6.05 4.00 -2.96
C ALA A 6 5.21 3.34 -4.04
N GLN A 7 5.73 2.27 -4.63
CA GLN A 7 4.99 1.56 -5.66
C GLN A 7 3.73 0.93 -5.07
N LEU A 8 3.87 0.31 -3.90
CA LEU A 8 2.74 -0.30 -3.22
C LEU A 8 1.73 0.75 -2.78
N CYS A 9 2.23 1.88 -2.32
CA CYS A 9 1.36 2.97 -1.89
C CYS A 9 0.48 3.41 -3.06
N THR A 10 1.06 3.44 -4.25
CA THR A 10 0.30 3.83 -5.43
C THR A 10 -0.87 2.88 -5.64
N ALA A 11 -0.61 1.59 -5.55
CA ALA A 11 -1.67 0.62 -5.74
C ALA A 11 -2.76 0.82 -4.69
N ALA A 12 -2.35 0.99 -3.43
CA ALA A 12 -3.30 1.20 -2.34
C ALA A 12 -3.99 2.55 -2.49
N GLU A 13 -3.20 3.56 -2.82
CA GLU A 13 -3.72 4.91 -2.98
C GLU A 13 -4.71 4.96 -4.13
N LYS A 14 -4.35 4.35 -5.24
CA LYS A 14 -5.21 4.32 -6.40
C LYS A 14 -6.50 3.55 -6.08
N ALA A 15 -6.35 2.41 -5.43
CA ALA A 15 -7.50 1.58 -5.06
C ALA A 15 -8.42 2.34 -4.11
N ASP A 16 -7.81 3.09 -3.20
CA ASP A 16 -8.59 3.86 -2.23
C ASP A 16 -9.49 4.86 -2.93
N GLU A 17 -8.96 5.53 -3.95
CA GLU A 17 -9.72 6.51 -4.70
C GLU A 17 -10.89 5.84 -5.42
N LEU A 18 -10.64 4.66 -5.97
CA LEU A 18 -11.68 3.93 -6.70
C LEU A 18 -12.83 3.57 -5.76
N GLY A 19 -12.50 3.16 -4.54
CA GLY A 19 -13.51 2.79 -3.55
C GLY A 19 -13.33 1.34 -3.11
N SER B 1 -12.12 1.00 -2.64
CA SER B 1 -11.84 -0.34 -2.18
C SER B 1 -10.98 -0.29 -0.91
N PRO B 2 -11.55 0.05 0.23
CA PRO B 2 -10.78 0.14 1.50
C PRO B 2 -10.12 -1.20 1.88
N GLU B 3 -10.79 -2.29 1.53
CA GLU B 3 -10.24 -3.61 1.82
C GLU B 3 -8.99 -3.85 0.99
N GLU B 4 -9.02 -3.42 -0.27
CA GLU B 4 -7.87 -3.57 -1.13
C GLU B 4 -6.73 -2.71 -0.60
N ARG B 5 -7.06 -1.51 -0.17
CA ARG B 5 -6.08 -0.61 0.37
C ARG B 5 -5.42 -1.22 1.61
N ALA B 6 -6.22 -1.80 2.48
CA ALA B 6 -5.68 -2.38 3.70
C ALA B 6 -4.66 -3.46 3.39
N GLN B 7 -4.99 -4.33 2.44
CA GLN B 7 -4.08 -5.40 2.07
C GLN B 7 -2.82 -4.82 1.42
N LEU B 8 -3.01 -3.80 0.58
CA LEU B 8 -1.87 -3.17 -0.10
C LEU B 8 -1.04 -2.38 0.90
N CYS B 9 -1.70 -1.74 1.86
CA CYS B 9 -1.01 -0.98 2.88
C CYS B 9 -0.07 -1.88 3.65
N THR B 10 -0.50 -3.10 3.91
CA THR B 10 0.32 -4.05 4.65
C THR B 10 1.61 -4.32 3.89
N ALA B 11 1.51 -4.56 2.60
CA ALA B 11 2.70 -4.82 1.81
C ALA B 11 3.64 -3.62 1.85
N ALA B 12 3.07 -2.42 1.68
CA ALA B 12 3.88 -1.20 1.72
C ALA B 12 4.40 -0.96 3.12
N GLU B 13 3.53 -1.16 4.11
CA GLU B 13 3.90 -0.95 5.51
C GLU B 13 4.99 -1.92 5.91
N LYS B 14 4.81 -3.18 5.54
CA LYS B 14 5.78 -4.20 5.86
C LYS B 14 7.12 -3.90 5.17
N ALA B 15 7.04 -3.53 3.90
CA ALA B 15 8.24 -3.21 3.13
C ALA B 15 8.95 -2.00 3.73
N ASP B 16 8.17 -1.04 4.18
CA ASP B 16 8.73 0.17 4.78
C ASP B 16 9.58 -0.18 6.01
N GLU B 17 9.07 -1.07 6.84
CA GLU B 17 9.78 -1.48 8.03
C GLU B 17 11.09 -2.18 7.66
N LEU B 18 11.02 -3.02 6.62
CA LEU B 18 12.21 -3.75 6.20
C LEU B 18 13.31 -2.80 5.73
N GLY B 19 12.91 -1.75 5.02
CA GLY B 19 13.86 -0.75 4.51
C GLY B 19 13.83 -0.68 3.00
N SER A 1 12.48 -0.70 2.12
CA SER A 1 12.45 -0.71 0.66
C SER A 1 11.66 0.49 0.15
N PRO A 2 12.28 1.65 0.12
CA PRO A 2 11.62 2.90 -0.34
C PRO A 2 11.00 2.76 -1.73
N GLU A 3 11.70 2.05 -2.62
CA GLU A 3 11.22 1.86 -3.98
C GLU A 3 9.92 1.07 -3.97
N GLU A 4 9.87 0.03 -3.16
CA GLU A 4 8.66 -0.77 -3.03
C GLU A 4 7.56 0.05 -2.37
N ARG A 5 7.95 0.87 -1.40
CA ARG A 5 6.98 1.70 -0.72
C ARG A 5 6.29 2.63 -1.70
N ALA A 6 7.06 3.29 -2.55
CA ALA A 6 6.49 4.22 -3.51
C ALA A 6 5.51 3.51 -4.42
N GLN A 7 5.91 2.35 -4.91
CA GLN A 7 5.03 1.57 -5.79
C GLN A 7 3.85 0.97 -5.01
N LEU A 8 4.16 0.42 -3.84
CA LEU A 8 3.13 -0.19 -3.00
C LEU A 8 2.12 0.85 -2.52
N CYS A 9 2.64 2.00 -2.13
CA CYS A 9 1.77 3.08 -1.64
C CYS A 9 0.84 3.55 -2.75
N THR A 10 1.35 3.58 -3.97
CA THR A 10 0.54 4.00 -5.12
C THR A 10 -0.64 3.06 -5.28
N ALA A 11 -0.39 1.75 -5.16
CA ALA A 11 -1.47 0.78 -5.30
C ALA A 11 -2.53 1.01 -4.22
N ALA A 12 -2.09 1.24 -2.99
CA ALA A 12 -3.01 1.51 -1.89
C ALA A 12 -3.71 2.85 -2.10
N GLU A 13 -2.93 3.85 -2.51
CA GLU A 13 -3.48 5.19 -2.73
C GLU A 13 -4.48 5.17 -3.89
N LYS A 14 -4.10 4.50 -4.97
CA LYS A 14 -4.96 4.39 -6.14
C LYS A 14 -6.22 3.62 -5.78
N ALA A 15 -6.06 2.55 -5.01
CA ALA A 15 -7.19 1.72 -4.61
C ALA A 15 -8.16 2.54 -3.78
N ASP A 16 -7.64 3.42 -2.93
CA ASP A 16 -8.47 4.25 -2.09
C ASP A 16 -9.38 5.14 -2.95
N GLU A 17 -8.81 5.72 -3.99
CA GLU A 17 -9.59 6.58 -4.88
C GLU A 17 -10.65 5.75 -5.60
N LEU A 18 -10.28 4.56 -6.04
CA LEU A 18 -11.20 3.69 -6.76
C LEU A 18 -12.36 3.29 -5.87
N GLY A 19 -12.06 2.99 -4.61
CA GLY A 19 -13.10 2.58 -3.65
C GLY A 19 -13.03 1.09 -3.37
N SER B 1 -11.98 0.67 -2.64
CA SER B 1 -11.81 -0.73 -2.30
C SER B 1 -11.11 -0.86 -0.95
N PRO B 2 -11.85 -0.69 0.12
CA PRO B 2 -11.29 -0.77 1.50
C PRO B 2 -10.52 -2.08 1.74
N GLU B 3 -11.06 -3.18 1.21
CA GLU B 3 -10.41 -4.47 1.38
C GLU B 3 -9.03 -4.47 0.75
N GLU B 4 -8.94 -3.92 -0.46
CA GLU B 4 -7.67 -3.84 -1.15
C GLU B 4 -6.76 -2.88 -0.40
N ARG B 5 -7.33 -1.80 0.11
CA ARG B 5 -6.55 -0.82 0.85
C ARG B 5 -5.87 -1.48 2.04
N ALA B 6 -6.62 -2.25 2.81
CA ALA B 6 -6.07 -2.89 3.99
C ALA B 6 -4.92 -3.82 3.61
N GLN B 7 -5.13 -4.61 2.57
CA GLN B 7 -4.09 -5.52 2.10
C GLN B 7 -2.95 -4.76 1.44
N LEU B 8 -3.30 -3.76 0.63
CA LEU B 8 -2.30 -2.96 -0.06
C LEU B 8 -1.47 -2.14 0.92
N CYS B 9 -2.14 -1.57 1.91
CA CYS B 9 -1.47 -0.75 2.91
C CYS B 9 -0.47 -1.59 3.69
N THR B 10 -0.85 -2.83 3.98
CA THR B 10 0.02 -3.74 4.72
C THR B 10 1.32 -3.95 3.97
N ALA B 11 1.23 -4.16 2.65
CA ALA B 11 2.42 -4.37 1.84
C ALA B 11 3.33 -3.16 1.92
N ALA B 12 2.74 -1.97 1.80
CA ALA B 12 3.51 -0.73 1.88
C ALA B 12 4.04 -0.54 3.30
N GLU B 13 3.20 -0.82 4.29
CA GLU B 13 3.61 -0.67 5.68
C GLU B 13 4.71 -1.67 6.03
N LYS B 14 4.52 -2.91 5.60
CA LYS B 14 5.51 -3.94 5.85
C LYS B 14 6.81 -3.62 5.14
N ALA B 15 6.70 -3.15 3.91
CA ALA B 15 7.87 -2.79 3.11
C ALA B 15 8.66 -1.68 3.80
N ASP B 16 7.93 -0.75 4.41
CA ASP B 16 8.57 0.37 5.10
C ASP B 16 9.44 -0.15 6.23
N GLU B 17 8.92 -1.10 7.00
CA GLU B 17 9.68 -1.66 8.11
C GLU B 17 10.91 -2.41 7.58
N LEU B 18 10.71 -3.16 6.50
CA LEU B 18 11.81 -3.93 5.91
C LEU B 18 12.91 -3.01 5.44
N GLY B 19 12.53 -1.89 4.82
CA GLY B 19 13.50 -0.92 4.32
C GLY B 19 13.59 -0.99 2.80
N SER A 1 12.49 -0.83 2.53
CA SER A 1 12.28 -0.44 1.14
C SER A 1 11.23 0.66 1.06
N PRO A 2 11.58 1.86 1.49
CA PRO A 2 10.64 3.03 1.46
C PRO A 2 10.06 3.26 0.07
N GLU A 3 10.90 3.11 -0.95
CA GLU A 3 10.46 3.30 -2.34
C GLU A 3 9.42 2.25 -2.71
N GLU A 4 9.65 1.03 -2.26
CA GLU A 4 8.71 -0.04 -2.57
C GLU A 4 7.38 0.26 -1.88
N ARG A 5 7.46 0.74 -0.65
CA ARG A 5 6.26 1.10 0.10
C ARG A 5 5.48 2.19 -0.62
N ALA A 6 6.18 3.20 -1.10
CA ALA A 6 5.51 4.29 -1.78
C ALA A 6 4.76 3.78 -3.00
N GLN A 7 5.38 2.92 -3.78
CA GLN A 7 4.74 2.36 -4.96
C GLN A 7 3.53 1.50 -4.55
N LEU A 8 3.72 0.68 -3.53
CA LEU A 8 2.64 -0.19 -3.07
C LEU A 8 1.49 0.65 -2.52
N CYS A 9 1.81 1.71 -1.80
CA CYS A 9 0.79 2.58 -1.25
C CYS A 9 -0.05 3.18 -2.36
N THR A 10 0.58 3.50 -3.48
CA THR A 10 -0.14 4.07 -4.60
C THR A 10 -1.22 3.12 -5.05
N ALA A 11 -0.89 1.85 -5.16
CA ALA A 11 -1.90 0.88 -5.56
C ALA A 11 -3.02 0.86 -4.52
N ALA A 12 -2.65 0.87 -3.25
CA ALA A 12 -3.65 0.89 -2.17
C ALA A 12 -4.46 2.18 -2.20
N GLU A 13 -3.77 3.29 -2.42
CA GLU A 13 -4.43 4.59 -2.46
C GLU A 13 -5.40 4.64 -3.63
N LYS A 14 -4.94 4.15 -4.77
CA LYS A 14 -5.77 4.12 -5.96
C LYS A 14 -6.97 3.20 -5.73
N ALA A 15 -6.74 2.07 -5.07
CA ALA A 15 -7.81 1.12 -4.80
C ALA A 15 -8.89 1.79 -3.96
N ASP A 16 -8.48 2.59 -2.99
CA ASP A 16 -9.43 3.29 -2.13
C ASP A 16 -10.29 4.24 -2.96
N GLU A 17 -9.66 4.92 -3.91
CA GLU A 17 -10.37 5.86 -4.77
C GLU A 17 -11.42 5.12 -5.60
N LEU A 18 -11.07 3.93 -6.07
CA LEU A 18 -11.99 3.15 -6.87
C LEU A 18 -13.23 2.77 -6.06
N GLY A 19 -13.02 2.40 -4.79
CA GLY A 19 -14.14 2.04 -3.90
C GLY A 19 -13.90 0.69 -3.25
N SER B 1 -12.78 0.53 -2.55
CA SER B 1 -12.46 -0.72 -1.87
C SER B 1 -11.57 -0.45 -0.67
N PRO B 2 -12.11 0.16 0.36
CA PRO B 2 -11.35 0.50 1.60
C PRO B 2 -10.64 -0.73 2.18
N GLU B 3 -11.33 -1.86 2.17
CA GLU B 3 -10.76 -3.10 2.69
C GLU B 3 -9.56 -3.52 1.85
N GLU B 4 -9.68 -3.37 0.54
CA GLU B 4 -8.59 -3.74 -0.34
C GLU B 4 -7.38 -2.85 -0.05
N ARG B 5 -7.66 -1.57 0.15
CA ARG B 5 -6.61 -0.61 0.46
C ARG B 5 -5.90 -1.00 1.76
N ALA B 6 -6.67 -1.35 2.77
CA ALA B 6 -6.09 -1.69 4.06
C ALA B 6 -5.14 -2.88 3.90
N GLN B 7 -5.58 -3.89 3.15
CA GLN B 7 -4.74 -5.07 2.92
C GLN B 7 -3.50 -4.69 2.13
N LEU B 8 -3.67 -3.86 1.10
CA LEU B 8 -2.54 -3.45 0.28
C LEU B 8 -1.57 -2.60 1.09
N CYS B 9 -2.11 -1.74 1.94
CA CYS B 9 -1.27 -0.89 2.77
C CYS B 9 -0.39 -1.75 3.67
N THR B 10 -0.93 -2.85 4.15
CA THR B 10 -0.17 -3.73 5.02
C THR B 10 1.09 -4.20 4.31
N ALA B 11 0.96 -4.59 3.06
CA ALA B 11 2.13 -5.02 2.31
C ALA B 11 3.12 -3.86 2.20
N ALA B 12 2.60 -2.67 1.90
CA ALA B 12 3.44 -1.49 1.79
C ALA B 12 4.07 -1.14 3.14
N GLU B 13 3.27 -1.24 4.20
CA GLU B 13 3.75 -0.95 5.54
C GLU B 13 4.83 -1.93 5.95
N LYS B 14 4.57 -3.19 5.66
CA LYS B 14 5.53 -4.24 5.96
C LYS B 14 6.82 -4.04 5.15
N ALA B 15 6.66 -3.65 3.89
CA ALA B 15 7.82 -3.42 3.04
C ALA B 15 8.69 -2.32 3.60
N ASP B 16 8.07 -1.29 4.15
CA ASP B 16 8.81 -0.19 4.75
C ASP B 16 9.62 -0.70 5.94
N GLU B 17 9.01 -1.58 6.73
CA GLU B 17 9.68 -2.14 7.90
C GLU B 17 10.90 -2.94 7.47
N LEU B 18 10.78 -3.68 6.37
CA LEU B 18 11.87 -4.50 5.88
C LEU B 18 13.05 -3.61 5.49
N GLY B 19 12.76 -2.47 4.85
CA GLY B 19 13.82 -1.54 4.44
C GLY B 19 13.70 -1.17 2.97
N SER A 1 12.37 -1.20 2.28
CA SER A 1 12.14 -0.95 0.86
C SER A 1 11.23 0.27 0.71
N PRO A 2 11.70 1.47 0.99
CA PRO A 2 10.86 2.70 0.89
C PRO A 2 10.31 2.90 -0.52
N GLU A 3 11.08 2.49 -1.52
CA GLU A 3 10.65 2.63 -2.90
C GLU A 3 9.48 1.69 -3.19
N GLU A 4 9.55 0.48 -2.65
CA GLU A 4 8.48 -0.48 -2.85
C GLU A 4 7.24 0.01 -2.12
N ARG A 5 7.46 0.54 -0.93
CA ARG A 5 6.37 1.08 -0.13
C ARG A 5 5.66 2.22 -0.85
N ALA A 6 6.44 3.12 -1.46
CA ALA A 6 5.84 4.25 -2.15
C ALA A 6 4.92 3.76 -3.25
N GLN A 7 5.37 2.77 -4.01
CA GLN A 7 4.56 2.22 -5.09
C GLN A 7 3.33 1.51 -4.51
N LEU A 8 3.54 0.77 -3.42
CA LEU A 8 2.44 0.05 -2.78
C LEU A 8 1.43 1.03 -2.20
N CYS A 9 1.93 2.13 -1.63
CA CYS A 9 1.05 3.14 -1.04
C CYS A 9 0.08 3.66 -2.09
N THR A 10 0.60 3.89 -3.28
CA THR A 10 -0.21 4.38 -4.40
C THR A 10 -1.30 3.36 -4.73
N ALA A 11 -0.92 2.09 -4.78
CA ALA A 11 -1.91 1.06 -5.09
C ALA A 11 -3.00 1.06 -4.03
N ALA A 12 -2.60 1.14 -2.76
CA ALA A 12 -3.58 1.16 -1.67
C ALA A 12 -4.43 2.42 -1.75
N GLU A 13 -3.77 3.55 -1.98
CA GLU A 13 -4.46 4.84 -2.08
C GLU A 13 -5.38 4.88 -3.29
N LYS A 14 -4.86 4.40 -4.42
CA LYS A 14 -5.64 4.35 -5.66
C LYS A 14 -6.83 3.41 -5.49
N ALA A 15 -6.59 2.29 -4.82
CA ALA A 15 -7.64 1.30 -4.61
C ALA A 15 -8.79 1.92 -3.82
N ASP A 16 -8.44 2.75 -2.85
CA ASP A 16 -9.46 3.43 -2.04
C ASP A 16 -10.31 4.32 -2.93
N GLU A 17 -9.66 5.03 -3.84
CA GLU A 17 -10.37 5.91 -4.76
C GLU A 17 -11.34 5.12 -5.63
N LEU A 18 -10.90 3.95 -6.08
CA LEU A 18 -11.74 3.11 -6.92
C LEU A 18 -12.99 2.66 -6.17
N GLY A 19 -12.82 2.31 -4.89
CA GLY A 19 -13.94 1.86 -4.04
C GLY A 19 -13.71 0.44 -3.52
N SER B 1 -12.57 0.24 -2.85
CA SER B 1 -12.22 -1.05 -2.29
C SER B 1 -11.46 -0.85 -0.98
N PRO B 2 -12.12 -0.41 0.07
CA PRO B 2 -11.44 -0.15 1.38
C PRO B 2 -10.76 -1.41 1.93
N GLU B 3 -11.36 -2.56 1.66
CA GLU B 3 -10.80 -3.82 2.12
C GLU B 3 -9.50 -4.12 1.40
N GLU B 4 -9.46 -3.85 0.10
CA GLU B 4 -8.27 -4.09 -0.68
C GLU B 4 -7.19 -3.11 -0.22
N ARG B 5 -7.61 -1.87 0.02
CA ARG B 5 -6.70 -0.84 0.48
C ARG B 5 -6.07 -1.24 1.81
N ALA B 6 -6.88 -1.74 2.73
CA ALA B 6 -6.37 -2.11 4.05
C ALA B 6 -5.28 -3.15 3.91
N GLN B 7 -5.51 -4.14 3.05
CA GLN B 7 -4.51 -5.19 2.83
C GLN B 7 -3.27 -4.60 2.14
N LEU B 8 -3.49 -3.70 1.18
CA LEU B 8 -2.39 -3.07 0.47
C LEU B 8 -1.58 -2.17 1.40
N CYS B 9 -2.28 -1.48 2.30
CA CYS B 9 -1.64 -0.57 3.24
C CYS B 9 -0.61 -1.36 4.07
N THR B 10 -1.02 -2.54 4.50
CA THR B 10 -0.16 -3.42 5.29
C THR B 10 1.08 -3.81 4.50
N ALA B 11 0.88 -4.16 3.23
CA ALA B 11 2.01 -4.54 2.40
C ALA B 11 2.98 -3.36 2.29
N ALA B 12 2.43 -2.17 2.07
CA ALA B 12 3.27 -0.97 1.97
C ALA B 12 3.95 -0.68 3.30
N GLU B 13 3.18 -0.79 4.38
CA GLU B 13 3.70 -0.53 5.72
C GLU B 13 4.74 -1.58 6.11
N LYS B 14 4.44 -2.84 5.83
CA LYS B 14 5.34 -3.93 6.12
C LYS B 14 6.62 -3.79 5.29
N ALA B 15 6.45 -3.39 4.03
CA ALA B 15 7.60 -3.23 3.14
C ALA B 15 8.56 -2.18 3.70
N ASP B 16 8.00 -1.13 4.28
CA ASP B 16 8.82 -0.07 4.87
C ASP B 16 9.64 -0.65 6.01
N GLU B 17 9.00 -1.49 6.81
CA GLU B 17 9.69 -2.11 7.94
C GLU B 17 10.84 -2.98 7.46
N LEU B 18 10.61 -3.71 6.37
CA LEU B 18 11.64 -4.58 5.83
C LEU B 18 12.84 -3.77 5.37
N GLY B 19 12.58 -2.62 4.74
CA GLY B 19 13.66 -1.74 4.26
C GLY B 19 13.56 -1.51 2.76
N SER A 1 12.62 -1.31 2.44
CA SER A 1 12.33 -1.02 1.04
C SER A 1 11.31 0.12 0.96
N PRO A 2 11.69 1.34 1.31
CA PRO A 2 10.74 2.50 1.28
C PRO A 2 10.20 2.77 -0.13
N GLU A 3 10.99 2.42 -1.14
CA GLU A 3 10.56 2.60 -2.53
C GLU A 3 9.38 1.70 -2.82
N GLU A 4 9.43 0.48 -2.31
CA GLU A 4 8.32 -0.44 -2.53
C GLU A 4 7.08 0.09 -1.83
N ARG A 5 7.27 0.66 -0.66
CA ARG A 5 6.16 1.20 0.09
C ARG A 5 5.45 2.28 -0.73
N ALA A 6 6.20 3.21 -1.29
CA ALA A 6 5.60 4.28 -2.07
C ALA A 6 4.87 3.73 -3.29
N GLN A 7 5.49 2.75 -3.94
CA GLN A 7 4.89 2.13 -5.11
C GLN A 7 3.58 1.44 -4.75
N LEU A 8 3.55 0.78 -3.60
CA LEU A 8 2.35 0.10 -3.16
C LEU A 8 1.40 1.08 -2.47
N CYS A 9 1.93 2.23 -2.05
CA CYS A 9 1.10 3.23 -1.38
C CYS A 9 0.02 3.74 -2.32
N THR A 10 0.41 4.06 -3.56
CA THR A 10 -0.55 4.54 -4.54
C THR A 10 -1.58 3.47 -4.86
N ALA A 11 -1.12 2.23 -4.93
CA ALA A 11 -2.05 1.14 -5.23
C ALA A 11 -3.12 1.06 -4.16
N ALA A 12 -2.71 1.15 -2.89
CA ALA A 12 -3.68 1.09 -1.80
C ALA A 12 -4.61 2.30 -1.81
N GLU A 13 -4.03 3.48 -2.00
CA GLU A 13 -4.81 4.71 -2.04
C GLU A 13 -5.70 4.74 -3.26
N LYS A 14 -5.16 4.33 -4.39
CA LYS A 14 -5.91 4.29 -5.63
C LYS A 14 -7.08 3.33 -5.52
N ALA A 15 -6.84 2.19 -4.89
CA ALA A 15 -7.90 1.19 -4.73
C ALA A 15 -9.06 1.78 -3.94
N ASP A 16 -8.74 2.55 -2.92
CA ASP A 16 -9.76 3.18 -2.09
C ASP A 16 -10.60 4.14 -2.93
N GLU A 17 -9.92 4.89 -3.80
CA GLU A 17 -10.60 5.84 -4.67
C GLU A 17 -11.58 5.13 -5.59
N LEU A 18 -11.16 3.97 -6.10
CA LEU A 18 -12.02 3.20 -6.99
C LEU A 18 -13.29 2.75 -6.28
N GLY A 19 -13.15 2.34 -5.02
CA GLY A 19 -14.29 1.88 -4.23
C GLY A 19 -14.02 0.51 -3.60
N SER B 1 -12.80 0.33 -3.09
CA SER B 1 -12.41 -0.92 -2.46
C SER B 1 -11.54 -0.64 -1.23
N PRO B 2 -12.12 -0.11 -0.17
CA PRO B 2 -11.33 0.22 1.07
C PRO B 2 -10.68 -1.02 1.69
N GLU B 3 -11.30 -2.17 1.48
CA GLU B 3 -10.75 -3.43 2.00
C GLU B 3 -9.43 -3.73 1.32
N GLU B 4 -9.37 -3.48 0.02
CA GLU B 4 -8.14 -3.72 -0.71
C GLU B 4 -7.05 -2.79 -0.21
N ARG B 5 -7.43 -1.56 0.07
CA ARG B 5 -6.49 -0.60 0.58
C ARG B 5 -5.85 -1.08 1.87
N ALA B 6 -6.67 -1.51 2.81
CA ALA B 6 -6.15 -1.99 4.09
C ALA B 6 -5.23 -3.18 3.89
N GLN B 7 -5.63 -4.08 3.01
CA GLN B 7 -4.84 -5.27 2.73
C GLN B 7 -3.50 -4.88 2.11
N LEU B 8 -3.50 -3.87 1.26
CA LEU B 8 -2.28 -3.42 0.61
C LEU B 8 -1.53 -2.42 1.51
N CYS B 9 -2.24 -1.88 2.50
CA CYS B 9 -1.64 -0.92 3.41
C CYS B 9 -0.52 -1.58 4.21
N THR B 10 -0.80 -2.77 4.74
CA THR B 10 0.18 -3.50 5.54
C THR B 10 1.36 -3.89 4.67
N ALA B 11 1.08 -4.26 3.43
CA ALA B 11 2.16 -4.65 2.53
C ALA B 11 3.12 -3.49 2.33
N ALA B 12 2.57 -2.29 2.10
CA ALA B 12 3.40 -1.11 1.91
C ALA B 12 4.15 -0.75 3.20
N GLU B 13 3.44 -0.78 4.32
CA GLU B 13 4.05 -0.47 5.61
C GLU B 13 5.07 -1.53 6.01
N LYS B 14 4.70 -2.78 5.78
CA LYS B 14 5.59 -3.89 6.09
C LYS B 14 6.86 -3.82 5.26
N ALA B 15 6.72 -3.46 3.99
CA ALA B 15 7.87 -3.36 3.11
C ALA B 15 8.85 -2.32 3.64
N ASP B 16 8.31 -1.21 4.14
CA ASP B 16 9.14 -0.16 4.69
C ASP B 16 9.93 -0.67 5.89
N GLU B 17 9.26 -1.47 6.72
CA GLU B 17 9.90 -2.02 7.91
C GLU B 17 11.06 -2.93 7.52
N LEU B 18 10.86 -3.71 6.45
CA LEU B 18 11.90 -4.61 5.98
C LEU B 18 13.14 -3.84 5.53
N GLY B 19 12.92 -2.71 4.84
CA GLY B 19 14.01 -1.88 4.35
C GLY B 19 13.86 -1.58 2.87
N SER A 1 12.29 -0.91 2.46
CA SER A 1 12.12 -0.71 1.02
C SER A 1 11.23 0.51 0.76
N PRO A 2 11.76 1.69 0.98
CA PRO A 2 11.00 2.96 0.76
C PRO A 2 10.38 3.02 -0.64
N GLU A 3 11.13 2.53 -1.64
CA GLU A 3 10.64 2.55 -3.03
C GLU A 3 9.38 1.71 -3.15
N GLU A 4 9.39 0.54 -2.51
CA GLU A 4 8.23 -0.33 -2.53
C GLU A 4 7.07 0.32 -1.77
N ARG A 5 7.39 0.99 -0.68
CA ARG A 5 6.36 1.66 0.09
C ARG A 5 5.63 2.67 -0.78
N ALA A 6 6.38 3.47 -1.52
CA ALA A 6 5.76 4.48 -2.37
C ALA A 6 4.90 3.85 -3.44
N GLN A 7 5.45 2.82 -4.09
CA GLN A 7 4.71 2.11 -5.13
C GLN A 7 3.52 1.35 -4.55
N LEU A 8 3.74 0.71 -3.40
CA LEU A 8 2.70 -0.04 -2.73
C LEU A 8 1.60 0.89 -2.25
N CYS A 9 1.98 2.05 -1.76
CA CYS A 9 1.02 3.04 -1.29
C CYS A 9 0.10 3.44 -2.43
N THR A 10 0.65 3.56 -3.62
CA THR A 10 -0.15 3.93 -4.78
C THR A 10 -1.26 2.92 -4.99
N ALA A 11 -0.93 1.63 -4.87
CA ALA A 11 -1.93 0.58 -5.05
C ALA A 11 -3.05 0.74 -4.01
N ALA A 12 -2.67 1.00 -2.76
CA ALA A 12 -3.64 1.19 -1.69
C ALA A 12 -4.41 2.50 -1.90
N GLU A 13 -3.68 3.55 -2.26
CA GLU A 13 -4.29 4.85 -2.48
C GLU A 13 -5.24 4.80 -3.68
N LYS A 14 -4.79 4.15 -4.75
CA LYS A 14 -5.61 4.01 -5.94
C LYS A 14 -6.85 3.20 -5.64
N ALA A 15 -6.68 2.12 -4.88
CA ALA A 15 -7.79 1.26 -4.54
C ALA A 15 -8.84 2.03 -3.74
N ASP A 16 -8.37 2.89 -2.85
CA ASP A 16 -9.27 3.70 -2.03
C ASP A 16 -10.16 4.57 -2.91
N GLU A 17 -9.55 5.20 -3.91
CA GLU A 17 -10.29 6.07 -4.81
C GLU A 17 -11.34 5.27 -5.59
N LEU A 18 -10.96 4.07 -6.01
CA LEU A 18 -11.87 3.21 -6.76
C LEU A 18 -13.07 2.84 -5.92
N GLY A 19 -12.83 2.54 -4.65
CA GLY A 19 -13.92 2.16 -3.74
C GLY A 19 -13.73 0.75 -3.22
N SER B 1 -12.54 0.46 -2.68
CA SER B 1 -12.25 -0.87 -2.16
C SER B 1 -11.50 -0.75 -0.83
N PRO B 2 -12.18 -0.35 0.20
CA PRO B 2 -11.58 -0.20 1.56
C PRO B 2 -10.84 -1.46 2.01
N GLU B 3 -11.39 -2.62 1.66
CA GLU B 3 -10.78 -3.89 2.04
C GLU B 3 -9.41 -4.02 1.40
N GLU B 4 -9.32 -3.67 0.12
CA GLU B 4 -8.05 -3.71 -0.59
C GLU B 4 -7.08 -2.70 0.00
N ARG B 5 -7.59 -1.54 0.35
CA ARG B 5 -6.74 -0.52 0.95
C ARG B 5 -6.08 -1.06 2.21
N ALA B 6 -6.86 -1.70 3.06
CA ALA B 6 -6.33 -2.24 4.32
C ALA B 6 -5.28 -3.30 4.03
N GLN B 7 -5.61 -4.20 3.11
CA GLN B 7 -4.68 -5.27 2.73
C GLN B 7 -3.47 -4.71 1.99
N LEU B 8 -3.73 -3.74 1.12
CA LEU B 8 -2.66 -3.12 0.34
C LEU B 8 -1.74 -2.33 1.24
N CYS B 9 -2.31 -1.65 2.22
CA CYS B 9 -1.52 -0.86 3.16
C CYS B 9 -0.54 -1.76 3.90
N THR B 10 -0.98 -2.97 4.21
CA THR B 10 -0.12 -3.91 4.93
C THR B 10 1.14 -4.18 4.13
N ALA B 11 0.99 -4.34 2.82
CA ALA B 11 2.14 -4.59 1.97
C ALA B 11 3.11 -3.40 2.02
N ALA B 12 2.56 -2.19 1.93
CA ALA B 12 3.38 -0.99 2.00
C ALA B 12 3.97 -0.83 3.39
N GLU B 13 3.13 -1.05 4.41
CA GLU B 13 3.58 -0.94 5.79
C GLU B 13 4.65 -1.99 6.10
N LYS B 14 4.40 -3.22 5.66
CA LYS B 14 5.35 -4.30 5.87
C LYS B 14 6.66 -4.01 5.15
N ALA B 15 6.56 -3.52 3.92
CA ALA B 15 7.74 -3.22 3.13
C ALA B 15 8.58 -2.14 3.81
N ASP B 16 7.91 -1.17 4.40
CA ASP B 16 8.59 -0.09 5.09
C ASP B 16 9.43 -0.64 6.23
N GLU B 17 8.87 -1.57 7.00
CA GLU B 17 9.57 -2.17 8.12
C GLU B 17 10.80 -2.93 7.63
N LEU B 18 10.63 -3.65 6.51
CA LEU B 18 11.73 -4.42 5.95
C LEU B 18 12.87 -3.51 5.53
N GLY B 19 12.53 -2.37 4.94
CA GLY B 19 13.54 -1.41 4.50
C GLY B 19 13.48 -1.21 2.98
#